data_7SCG
#
_entry.id   7SCG
#
_cell.length_a   1.00
_cell.length_b   1.00
_cell.length_c   1.00
_cell.angle_alpha   90.00
_cell.angle_beta   90.00
_cell.angle_gamma   90.00
#
_symmetry.space_group_name_H-M   'P 1'
#
loop_
_entity.id
_entity.type
_entity.pdbx_description
1 polymer 'Guanine nucleotide-binding protein G(I)/G(S)/G(T) subunit beta-1'
2 polymer 'Guanine nucleotide-binding protein G(I)/G(S)/G(O) subunit gamma-2'
3 polymer 'Mu-type opioid receptor'
4 polymer 'Guanine nucleotide-binding protein G(i) subunit alpha-1'
5 polymer scFv16
6 non-polymer (2E)-N-[(2S)-2-(dimethylamino)-3-(4-hydroxyphenyl)propyl]-3-(naphthalen-1-yl)prop-2-enamide
7 water water
#
loop_
_entity_poly.entity_id
_entity_poly.type
_entity_poly.pdbx_seq_one_letter_code
_entity_poly.pdbx_strand_id
1 'polypeptide(L)'
;PGSSGSELDQLRQEAEQLKNQIRDARKACADATLSQITNNIDPVGRIQMRTRRTLRGHLAKIYAMHWGTDSRLLVSASQD
GKLIIWDSYTTNKVHAIPLRSSWVMTCAYAPSGNYVACGGLDNICSIYNLKTREGNVRVSRELAGHTGYLSCCRFLDDNQ
IVTSSGDTTCALWDIETGQQTTTFTGHTGDVMSLSLAPDTRLFVSGACDASAKLWDVREGMCRQTFTGHESDINAICFFP
NGNAFATGSDDATCRLFDLRADQELMTYSHDNIICGITSVSFSKSGRLLLAGYDDFNCNVWDALKADRAGVLAGHDNRVS
CLGVTDDGMAVATGSWDSFLKIWN
;
B
2 'polypeptide(L)' MASNNTASIAQARKLVEQLKMEANIDRIKVSKAAADLMAYCEAHAKEDPLLTPVPASENPFREKKFFCAIL C
3 'polypeptide(L)'
;NISDCSDPLAPASCSPAPGSWLNLSHVDGNQSDPCGPNRTGLGENLYFQGSHSLCPQTGSPSMVTAITIMALYSIVCVVG
LFGNFLVMYVIVRYTKMKTATNIYIFNLALADALATSTLPFQSVNYLMGTWPFGNILCKIVISIDYYNMFTSIFTLCTMS
VDRYIAVCHPVKALDFRTPRNAKIVNVCNWILSSAIGLPVMFMATTKYRQGSIDCTLTFSHPTWYWENLLKICVFIFAFI
MPVLIITVCYGLMILRLKSVRMLSGSKEKDRNLRRITRMVLVVVAVFIVCWTPIHIYVIIKALITIPETTFQTVSWHFCI
ALGYTNSCLNPVLYAFLDENFKRCFREFCIPTSSTI
;
D
4 'polypeptide(L)'
;MGCTLSAEDKAAVERSKMIDRNLREDGEKAAREVKLLLLGAGESGKSTIVKQMKIIHEAGYSEEECKQYKAVVYSNTIQS
IIAIIRAMGRLKIDFGDSARADDARQLFVLAGAAEEGFMTAELAGVIKRLWKDSGVQACFNRSREYQLNDSAAYYLNDLD
RIAQPNYIPTQQDVLRTRVKTTGIVETHFTFKDLHFKMFDVGGQRSERKKWIHCFEGVTAIIFCVALSDYDLVLAEDEEM
NRMHESMKLFDSICNNKWFTDTSIILFLNKKDLFEEKIKKSPLTICYPEYAGSNTYEEAAAYIQCQFEDLNKRKDTKEIY
THFTCATDTKNVQFVFDAVTDVIIKNNLKDCGLF
;
A
5 'polypeptide(L)'
;DVQLVESGGGLVQPGGSRKLSCSASGFAFSSFGMHWVRQAPEKGLEWVAYISSGSGTIYYADTVKGRFTISRDDPKNTLF
LQMTSLRSEDTAMYYCVRSIYYYGSSPFDFWGQGTTLTVSSGGGGSGGGGSGGGGSDIVMTQATSSVPVTPGESVSISCR
SSKSLLHSNGNTYLYWFLQRPGQSPQLLIYRMSNLASGVPDRFSGSGSGTAFTLTISRLEAEDVGVYYCMQHLEYPLTFG
AGTKLELKAAAHHHHHHHH
;
E
#
loop_
_chem_comp.id
_chem_comp.type
_chem_comp.name
_chem_comp.formula
8RI non-polymer (2E)-N-[(2S)-2-(dimethylamino)-3-(4-hydroxyphenyl)propyl]-3-(naphthalen-1-yl)prop-2-enamide 'C24 H26 N2 O2'
#
# COMPACT_ATOMS: atom_id res chain seq x y z
N ASP A 9 20.55 -22.43 -49.88
CA ASP A 9 20.75 -21.38 -48.89
C ASP A 9 21.32 -20.12 -49.53
N GLN A 10 21.08 -19.98 -50.83
CA GLN A 10 21.58 -18.80 -51.55
C GLN A 10 20.95 -17.52 -51.03
N LEU A 11 19.75 -17.61 -50.46
CA LEU A 11 19.07 -16.45 -49.88
C LEU A 11 19.29 -16.33 -48.38
N ARG A 12 19.91 -17.33 -47.75
CA ARG A 12 20.24 -17.27 -46.33
C ARG A 12 21.65 -16.77 -46.08
N GLN A 13 22.40 -16.44 -47.13
CA GLN A 13 23.73 -15.86 -47.00
C GLN A 13 23.78 -14.38 -47.36
N GLU A 14 22.84 -13.90 -48.17
CA GLU A 14 22.76 -12.47 -48.43
C GLU A 14 22.48 -11.69 -47.15
N ALA A 15 21.77 -12.31 -46.20
CA ALA A 15 21.58 -11.68 -44.90
C ALA A 15 22.90 -11.48 -44.18
N GLU A 16 23.78 -12.49 -44.22
CA GLU A 16 25.09 -12.36 -43.59
C GLU A 16 25.94 -11.30 -44.30
N GLN A 17 25.88 -11.29 -45.63
CA GLN A 17 26.61 -10.26 -46.38
C GLN A 17 26.13 -8.86 -46.01
N LEU A 18 24.81 -8.67 -45.91
CA LEU A 18 24.28 -7.37 -45.56
C LEU A 18 24.64 -7.00 -44.12
N LYS A 19 24.67 -7.97 -43.21
CA LYS A 19 25.08 -7.69 -41.85
C LYS A 19 26.53 -7.22 -41.80
N ASN A 20 27.41 -7.89 -42.54
CA ASN A 20 28.81 -7.46 -42.59
C ASN A 20 28.94 -6.08 -43.21
N GLN A 21 28.16 -5.80 -44.26
CA GLN A 21 28.20 -4.49 -44.88
C GLN A 21 27.76 -3.40 -43.90
N ILE A 22 26.69 -3.67 -43.13
CA ILE A 22 26.22 -2.69 -42.16
C ILE A 22 27.26 -2.46 -41.07
N ARG A 23 27.88 -3.54 -40.60
CA ARG A 23 28.90 -3.41 -39.57
C ARG A 23 30.08 -2.57 -40.05
N ASP A 24 30.55 -2.82 -41.27
CA ASP A 24 31.65 -2.03 -41.82
C ASP A 24 31.24 -0.57 -42.02
N ALA A 25 30.01 -0.35 -42.51
CA ALA A 25 29.55 1.01 -42.77
C ALA A 25 29.47 1.82 -41.49
N ARG A 26 28.98 1.22 -40.40
CA ARG A 26 28.90 1.97 -39.15
C ARG A 26 30.19 1.92 -38.35
N LYS A 27 31.17 1.10 -38.75
CA LYS A 27 32.50 1.19 -38.19
C LYS A 27 33.38 2.20 -38.91
N ALA A 28 33.00 2.60 -40.13
CA ALA A 28 33.74 3.64 -40.84
C ALA A 28 33.45 5.04 -40.33
N CYS A 29 32.42 5.21 -39.51
CA CYS A 29 32.04 6.51 -38.97
C CYS A 29 32.42 6.67 -37.49
N ALA A 30 33.13 5.71 -36.92
CA ALA A 30 33.52 5.75 -35.51
C ALA A 30 34.96 6.22 -35.43
N ASP A 31 35.14 7.49 -35.05
CA ASP A 31 36.47 8.07 -34.97
C ASP A 31 36.70 8.94 -33.73
N ALA A 32 35.70 9.08 -32.85
CA ALA A 32 35.75 10.09 -31.80
C ALA A 32 35.79 9.50 -30.40
N THR A 33 34.97 8.49 -30.11
CA THR A 33 34.99 7.90 -28.78
C THR A 33 34.62 8.93 -27.72
N LEU A 34 33.32 9.26 -27.62
CA LEU A 34 32.73 10.32 -26.80
C LEU A 34 33.45 10.57 -25.48
N SER A 35 33.85 9.52 -24.78
CA SER A 35 34.62 9.69 -23.56
C SER A 35 35.94 10.43 -23.79
N GLN A 36 36.45 10.46 -25.02
CA GLN A 36 37.65 11.22 -25.36
C GLN A 36 37.33 12.63 -25.83
N ILE A 37 36.06 13.00 -25.94
CA ILE A 37 35.67 14.36 -26.34
C ILE A 37 35.24 15.15 -25.12
N THR A 38 34.72 14.45 -24.11
CA THR A 38 34.30 15.07 -22.86
C THR A 38 35.37 14.96 -21.78
N ASN A 39 36.64 14.97 -22.18
CA ASN A 39 37.73 14.84 -21.21
C ASN A 39 38.00 16.16 -20.49
N ASN A 40 37.79 17.29 -21.15
CA ASN A 40 38.06 18.59 -20.54
C ASN A 40 36.87 19.15 -19.76
N ILE A 41 35.70 18.52 -19.86
CA ILE A 41 34.54 18.99 -19.11
C ILE A 41 34.80 18.82 -17.61
N ASP A 42 34.21 19.71 -16.81
CA ASP A 42 34.42 19.59 -15.38
C ASP A 42 33.36 18.67 -14.76
N PRO A 43 33.74 17.86 -13.79
CA PRO A 43 32.80 16.90 -13.22
C PRO A 43 31.67 17.59 -12.47
N VAL A 44 30.53 16.90 -12.39
CA VAL A 44 29.39 17.46 -11.67
C VAL A 44 29.70 17.58 -10.18
N GLY A 45 30.31 16.54 -9.61
CA GLY A 45 30.66 16.57 -8.20
C GLY A 45 30.04 15.44 -7.42
N ARG A 46 29.42 15.76 -6.29
CA ARG A 46 28.73 14.79 -5.46
C ARG A 46 27.27 15.22 -5.34
N ILE A 47 26.36 14.34 -5.71
CA ILE A 47 24.93 14.65 -5.75
C ILE A 47 24.28 14.02 -4.52
N GLN A 48 23.75 14.85 -3.64
CA GLN A 48 23.20 14.43 -2.36
C GLN A 48 21.73 14.83 -2.30
N MET A 49 20.84 13.85 -2.28
CA MET A 49 19.41 14.07 -2.27
C MET A 49 18.80 13.43 -1.04
N ARG A 50 17.78 14.10 -0.48
CA ARG A 50 17.07 13.63 0.69
C ARG A 50 15.63 13.32 0.33
N THR A 51 15.01 12.39 1.05
CA THR A 51 13.61 12.11 0.83
C THR A 51 12.76 13.22 1.42
N ARG A 52 11.79 13.70 0.64
CA ARG A 52 10.89 14.75 1.10
C ARG A 52 9.51 14.23 1.47
N ARG A 53 9.05 13.15 0.84
CA ARG A 53 7.77 12.57 1.18
C ARG A 53 7.89 11.05 1.14
N THR A 54 6.99 10.40 1.89
CA THR A 54 6.80 8.96 1.80
C THR A 54 5.31 8.70 1.66
N LEU A 55 4.94 7.95 0.64
CA LEU A 55 3.55 7.72 0.29
C LEU A 55 3.22 6.27 0.62
N ARG A 56 2.41 6.06 1.65
CA ARG A 56 2.16 4.73 2.20
C ARG A 56 0.66 4.46 2.24
N GLY A 57 0.15 3.78 1.21
CA GLY A 57 -1.20 3.27 1.25
C GLY A 57 -1.37 1.90 0.64
N HIS A 58 -0.32 1.37 0.03
CA HIS A 58 -0.38 0.09 -0.67
C HIS A 58 -0.07 -1.04 0.30
N LEU A 59 -0.74 -2.18 0.09
CA LEU A 59 -0.56 -3.35 0.93
C LEU A 59 0.11 -4.50 0.17
N ALA A 60 0.83 -4.19 -0.90
CA ALA A 60 1.59 -5.19 -1.65
C ALA A 60 2.72 -4.47 -2.36
N LYS A 61 3.39 -5.17 -3.27
CA LYS A 61 4.54 -4.62 -3.98
C LYS A 61 4.08 -3.90 -5.23
N ILE A 62 4.46 -2.63 -5.36
CA ILE A 62 3.99 -1.80 -6.46
C ILE A 62 4.88 -2.03 -7.68
N TYR A 63 4.25 -2.09 -8.85
CA TYR A 63 4.91 -2.51 -10.08
C TYR A 63 5.13 -1.40 -11.09
N ALA A 64 4.41 -0.28 -11.00
CA ALA A 64 4.56 0.79 -11.97
C ALA A 64 4.06 2.10 -11.37
N MET A 65 4.43 3.20 -12.02
CA MET A 65 3.95 4.52 -11.65
C MET A 65 4.14 5.45 -12.84
N HIS A 66 3.51 6.62 -12.78
CA HIS A 66 3.66 7.62 -13.83
C HIS A 66 3.28 8.99 -13.29
N TRP A 67 4.01 10.01 -13.74
CA TRP A 67 3.75 11.39 -13.37
C TRP A 67 2.74 12.01 -14.33
N GLY A 68 2.01 13.00 -13.83
CA GLY A 68 1.20 13.84 -14.68
C GLY A 68 1.98 15.03 -15.19
N THR A 69 1.58 15.55 -16.34
CA THR A 69 2.23 16.74 -16.88
C THR A 69 2.00 17.95 -16.01
N ASP A 70 0.98 17.92 -15.16
CA ASP A 70 0.80 18.91 -14.10
C ASP A 70 2.03 18.98 -13.20
N SER A 71 2.72 17.85 -13.03
CA SER A 71 3.92 17.72 -12.21
C SER A 71 3.62 17.75 -10.72
N ARG A 72 2.38 17.47 -10.34
CA ARG A 72 1.98 17.41 -8.95
C ARG A 72 1.26 16.11 -8.61
N LEU A 73 0.48 15.57 -9.55
CA LEU A 73 -0.27 14.34 -9.32
C LEU A 73 0.42 13.17 -10.00
N LEU A 74 0.37 12.00 -9.38
CA LEU A 74 0.90 10.79 -9.98
C LEU A 74 0.01 9.60 -9.65
N VAL A 75 0.19 8.53 -10.41
CA VAL A 75 -0.59 7.30 -10.27
C VAL A 75 0.37 6.14 -10.06
N SER A 76 -0.10 5.12 -9.35
CA SER A 76 0.72 3.94 -9.09
C SER A 76 -0.17 2.72 -9.03
N ALA A 77 0.36 1.58 -9.48
CA ALA A 77 -0.34 0.30 -9.45
C ALA A 77 0.45 -0.71 -8.63
N SER A 78 -0.28 -1.61 -7.97
CA SER A 78 0.35 -2.67 -7.14
C SER A 78 -0.45 -3.96 -7.29
N GLN A 79 0.07 -5.08 -6.76
CA GLN A 79 -0.63 -6.39 -6.88
C GLN A 79 -1.79 -6.47 -5.88
N ASP A 80 -2.08 -5.38 -5.16
CA ASP A 80 -3.19 -5.37 -4.18
C ASP A 80 -4.53 -5.14 -4.91
N GLY A 81 -4.51 -5.06 -6.25
CA GLY A 81 -5.72 -4.81 -6.99
C GLY A 81 -6.18 -3.38 -7.03
N LYS A 82 -5.33 -2.43 -6.65
CA LYS A 82 -5.69 -1.02 -6.62
C LYS A 82 -4.65 -0.20 -7.35
N LEU A 83 -5.09 0.85 -8.04
CA LEU A 83 -4.23 1.93 -8.47
C LEU A 83 -4.84 3.22 -7.97
N ILE A 84 -4.04 4.05 -7.30
CA ILE A 84 -4.55 5.20 -6.58
C ILE A 84 -3.75 6.44 -6.94
N ILE A 85 -4.43 7.57 -7.05
CA ILE A 85 -3.87 8.81 -7.54
C ILE A 85 -3.51 9.69 -6.36
N TRP A 86 -2.27 10.16 -6.31
CA TRP A 86 -1.72 10.89 -5.19
C TRP A 86 -1.59 12.38 -5.50
N ASP A 87 -1.59 13.18 -4.45
CA ASP A 87 -1.19 14.58 -4.51
C ASP A 87 0.17 14.67 -3.82
N SER A 88 1.22 14.94 -4.60
CA SER A 88 2.58 14.86 -4.08
C SER A 88 2.82 15.90 -3.00
N TYR A 89 2.30 17.11 -3.17
CA TYR A 89 2.67 18.21 -2.27
C TYR A 89 2.12 17.98 -0.87
N THR A 90 0.97 17.33 -0.74
CA THR A 90 0.36 17.09 0.55
C THR A 90 0.20 15.61 0.90
N THR A 91 0.45 14.70 -0.04
CA THR A 91 0.32 13.26 0.17
C THR A 91 -1.13 12.84 0.39
N ASN A 92 -2.07 13.59 -0.18
CA ASN A 92 -3.48 13.24 -0.10
C ASN A 92 -3.84 12.29 -1.23
N LYS A 93 -4.68 11.31 -0.93
CA LYS A 93 -5.18 10.39 -1.95
C LYS A 93 -6.36 11.03 -2.65
N VAL A 94 -6.23 11.31 -3.94
CA VAL A 94 -7.30 11.94 -4.69
C VAL A 94 -8.33 10.91 -5.14
N HIS A 95 -7.86 9.75 -5.60
CA HIS A 95 -8.73 8.68 -6.08
C HIS A 95 -8.14 7.35 -5.67
N ALA A 96 -8.97 6.32 -5.67
CA ALA A 96 -8.53 4.95 -5.43
C ALA A 96 -9.45 4.03 -6.21
N ILE A 97 -8.93 3.44 -7.27
CA ILE A 97 -9.71 2.75 -8.29
C ILE A 97 -9.62 1.25 -8.06
N PRO A 98 -10.73 0.55 -7.80
CA PRO A 98 -10.69 -0.91 -7.73
C PRO A 98 -10.76 -1.54 -9.11
N LEU A 99 -9.76 -2.33 -9.46
CA LEU A 99 -9.62 -2.87 -10.81
C LEU A 99 -9.77 -4.38 -10.80
N ARG A 100 -10.22 -4.92 -11.94
CA ARG A 100 -10.83 -6.24 -11.98
C ARG A 100 -9.83 -7.39 -11.88
N SER A 101 -8.62 -7.23 -12.39
CA SER A 101 -7.62 -8.29 -12.36
C SER A 101 -6.42 -7.80 -11.57
N SER A 102 -6.06 -8.54 -10.52
CA SER A 102 -5.04 -8.11 -9.57
C SER A 102 -3.62 -8.14 -10.15
N TRP A 103 -3.41 -8.71 -11.32
CA TRP A 103 -2.08 -8.89 -11.88
C TRP A 103 -1.82 -7.81 -12.91
N VAL A 104 -1.39 -6.64 -12.42
CA VAL A 104 -1.14 -5.47 -13.26
C VAL A 104 0.34 -5.18 -13.28
N MET A 105 0.86 -4.87 -14.46
CA MET A 105 2.29 -4.66 -14.65
C MET A 105 2.65 -3.28 -15.17
N THR A 106 1.68 -2.39 -15.42
CA THR A 106 2.01 -1.12 -16.05
C THR A 106 0.95 -0.08 -15.75
N CYS A 107 1.33 1.17 -15.91
CA CYS A 107 0.47 2.33 -15.72
C CYS A 107 0.79 3.39 -16.76
N ALA A 108 -0.20 4.23 -17.05
CA ALA A 108 0.01 5.42 -17.86
C ALA A 108 -0.96 6.49 -17.37
N TYR A 109 -0.64 7.75 -17.66
CA TYR A 109 -1.43 8.87 -17.18
C TYR A 109 -1.49 9.86 -18.32
N ALA A 110 -2.69 10.21 -18.77
CA ALA A 110 -2.85 10.93 -20.02
C ALA A 110 -2.25 12.33 -19.94
N PRO A 111 -1.72 12.84 -21.06
CA PRO A 111 -1.13 14.19 -21.03
C PRO A 111 -2.14 15.27 -20.67
N SER A 112 -3.39 15.12 -21.08
CA SER A 112 -4.42 16.08 -20.71
C SER A 112 -4.86 15.94 -19.27
N GLY A 113 -4.80 14.73 -18.72
CA GLY A 113 -5.19 14.47 -17.36
C GLY A 113 -6.58 13.90 -17.18
N ASN A 114 -7.27 13.58 -18.27
CA ASN A 114 -8.65 13.09 -18.18
C ASN A 114 -8.74 11.59 -17.97
N TYR A 115 -7.73 10.84 -18.42
CA TYR A 115 -7.79 9.38 -18.40
C TYR A 115 -6.53 8.80 -17.79
N VAL A 116 -6.65 7.54 -17.36
CA VAL A 116 -5.51 6.69 -17.03
C VAL A 116 -5.74 5.35 -17.69
N ALA A 117 -4.67 4.57 -17.80
CA ALA A 117 -4.72 3.25 -18.40
C ALA A 117 -3.98 2.26 -17.53
N CYS A 118 -4.34 0.99 -17.68
CA CYS A 118 -3.74 -0.07 -16.89
C CYS A 118 -3.79 -1.36 -17.70
N GLY A 119 -2.93 -2.30 -17.32
CA GLY A 119 -2.89 -3.58 -18.01
C GLY A 119 -1.95 -4.51 -17.28
N GLY A 120 -1.96 -5.76 -17.69
CA GLY A 120 -1.12 -6.72 -17.02
C GLY A 120 -1.18 -8.12 -17.58
N LEU A 121 -1.30 -9.09 -16.67
CA LEU A 121 -1.18 -10.49 -17.00
C LEU A 121 -2.48 -11.09 -17.54
N ASP A 122 -3.48 -10.26 -17.81
CA ASP A 122 -4.76 -10.71 -18.34
C ASP A 122 -4.96 -10.36 -19.80
N ASN A 123 -3.95 -9.79 -20.46
CA ASN A 123 -3.92 -9.54 -21.90
C ASN A 123 -4.78 -8.36 -22.34
N ILE A 124 -5.16 -7.46 -21.45
CA ILE A 124 -6.12 -6.41 -21.77
C ILE A 124 -5.60 -5.07 -21.24
N CYS A 125 -5.82 -4.02 -22.02
CA CYS A 125 -5.55 -2.65 -21.60
C CYS A 125 -6.87 -1.96 -21.29
N SER A 126 -7.02 -1.46 -20.07
CA SER A 126 -8.24 -0.82 -19.60
C SER A 126 -8.02 0.67 -19.44
N ILE A 127 -9.02 1.46 -19.81
CA ILE A 127 -8.95 2.91 -19.81
C ILE A 127 -10.06 3.45 -18.92
N TYR A 128 -9.69 4.34 -18.00
CA TYR A 128 -10.60 4.85 -16.99
C TYR A 128 -10.82 6.35 -17.17
N ASN A 129 -12.07 6.77 -17.04
CA ASN A 129 -12.44 8.17 -17.19
C ASN A 129 -12.40 8.84 -15.82
N LEU A 130 -11.47 9.77 -15.63
CA LEU A 130 -11.30 10.40 -14.33
C LEU A 130 -12.26 11.57 -14.14
N LYS A 131 -12.35 12.44 -15.14
CA LYS A 131 -13.13 13.68 -15.04
C LYS A 131 -14.49 13.45 -15.68
N THR A 132 -15.34 12.75 -14.94
CA THR A 132 -16.69 12.47 -15.40
C THR A 132 -17.71 13.14 -14.49
N ARG A 133 -18.92 13.27 -15.01
CA ARG A 133 -20.06 13.63 -14.17
C ARG A 133 -20.41 12.46 -13.26
N GLU A 134 -21.44 12.63 -12.45
CA GLU A 134 -21.99 11.57 -11.62
C GLU A 134 -21.04 11.09 -10.53
N GLY A 135 -19.92 11.78 -10.29
CA GLY A 135 -19.07 11.37 -9.19
C GLY A 135 -17.93 10.45 -9.55
N ASN A 136 -18.17 9.14 -9.40
CA ASN A 136 -17.15 8.10 -9.39
C ASN A 136 -16.36 8.00 -10.70
N VAL A 137 -15.38 7.09 -10.73
CA VAL A 137 -14.54 6.86 -11.90
C VAL A 137 -15.04 5.60 -12.61
N ARG A 138 -15.15 5.68 -13.93
CA ARG A 138 -15.72 4.61 -14.74
C ARG A 138 -14.69 4.07 -15.72
N VAL A 139 -14.93 2.85 -16.19
CA VAL A 139 -14.11 2.22 -17.22
C VAL A 139 -14.64 2.63 -18.58
N SER A 140 -13.82 3.32 -19.37
CA SER A 140 -14.27 3.84 -20.65
C SER A 140 -14.24 2.77 -21.73
N ARG A 141 -13.07 2.21 -22.01
CA ARG A 141 -12.89 1.15 -23.00
C ARG A 141 -12.19 -0.03 -22.35
N GLU A 142 -12.01 -1.08 -23.16
CA GLU A 142 -11.29 -2.27 -22.71
C GLU A 142 -10.74 -2.94 -23.96
N LEU A 143 -9.45 -2.74 -24.21
CA LEU A 143 -8.84 -3.08 -25.49
C LEU A 143 -8.25 -4.48 -25.45
N ALA A 144 -8.80 -5.38 -26.26
CA ALA A 144 -8.37 -6.76 -26.31
C ALA A 144 -7.83 -7.09 -27.70
N GLY A 145 -6.94 -8.07 -27.76
CA GLY A 145 -6.33 -8.45 -29.02
C GLY A 145 -4.89 -8.91 -28.94
N HIS A 146 -4.19 -8.57 -27.86
CA HIS A 146 -2.87 -9.11 -27.62
C HIS A 146 -2.99 -10.55 -27.14
N THR A 147 -1.86 -11.26 -27.16
CA THR A 147 -1.83 -12.69 -26.81
C THR A 147 -0.78 -12.98 -25.75
N GLY A 148 -0.07 -11.97 -25.26
CA GLY A 148 1.03 -12.17 -24.34
C GLY A 148 0.75 -11.69 -22.93
N TYR A 149 1.19 -10.48 -22.63
CA TYR A 149 0.87 -9.78 -21.40
C TYR A 149 1.36 -8.35 -21.55
N LEU A 150 0.55 -7.39 -21.15
CA LEU A 150 0.92 -5.99 -21.33
C LEU A 150 2.15 -5.66 -20.50
N SER A 151 3.17 -5.14 -21.19
CA SER A 151 4.41 -4.72 -20.55
C SER A 151 4.48 -3.21 -20.34
N CYS A 152 3.98 -2.42 -21.28
CA CYS A 152 4.05 -0.97 -21.17
C CYS A 152 2.90 -0.35 -21.95
N CYS A 153 2.56 0.87 -21.56
CA CYS A 153 1.55 1.68 -22.24
C CYS A 153 2.02 3.13 -22.28
N ARG A 154 1.63 3.85 -23.33
CA ARG A 154 1.94 5.28 -23.42
C ARG A 154 0.86 5.95 -24.25
N PHE A 155 0.27 7.01 -23.70
CA PHE A 155 -0.73 7.79 -24.41
C PHE A 155 -0.07 8.71 -25.43
N LEU A 156 -0.67 8.81 -26.61
CA LEU A 156 -0.31 9.84 -27.58
C LEU A 156 -1.25 11.04 -27.52
N ASP A 157 -2.55 10.78 -27.67
CA ASP A 157 -3.61 11.78 -27.54
C ASP A 157 -4.63 11.27 -26.53
N ASP A 158 -5.78 11.93 -26.44
CA ASP A 158 -6.90 11.38 -25.70
C ASP A 158 -7.54 10.20 -26.41
N ASN A 159 -7.16 9.91 -27.66
CA ASN A 159 -7.78 8.87 -28.46
C ASN A 159 -6.77 7.96 -29.15
N GLN A 160 -5.54 7.90 -28.65
CA GLN A 160 -4.52 7.04 -29.24
C GLN A 160 -3.58 6.56 -28.16
N ILE A 161 -3.12 5.31 -28.28
CA ILE A 161 -2.25 4.72 -27.27
C ILE A 161 -1.46 3.57 -27.90
N VAL A 162 -0.15 3.53 -27.63
CA VAL A 162 0.71 2.44 -28.07
C VAL A 162 0.91 1.49 -26.90
N THR A 163 0.79 0.19 -27.16
CA THR A 163 0.99 -0.83 -26.15
C THR A 163 2.07 -1.80 -26.58
N SER A 164 2.74 -2.38 -25.59
CA SER A 164 3.78 -3.38 -25.80
C SER A 164 3.39 -4.65 -25.08
N SER A 165 3.61 -5.80 -25.72
CA SER A 165 3.13 -7.06 -25.18
C SER A 165 4.23 -8.12 -25.24
N GLY A 166 4.05 -9.16 -24.43
CA GLY A 166 5.00 -10.24 -24.36
C GLY A 166 4.74 -11.32 -25.39
N ASP A 167 3.96 -11.00 -26.42
CA ASP A 167 3.75 -11.88 -27.55
C ASP A 167 4.54 -11.42 -28.77
N THR A 168 5.64 -10.69 -28.55
CA THR A 168 6.63 -10.29 -29.54
C THR A 168 6.18 -9.07 -30.35
N THR A 169 4.95 -8.58 -30.18
CA THR A 169 4.46 -7.49 -31.00
C THR A 169 4.11 -6.27 -30.16
N CYS A 170 4.14 -5.11 -30.81
CA CYS A 170 3.56 -3.87 -30.32
C CYS A 170 2.36 -3.51 -31.20
N ALA A 171 1.60 -2.50 -30.77
CA ALA A 171 0.41 -2.14 -31.52
C ALA A 171 0.04 -0.69 -31.22
N LEU A 172 -0.73 -0.12 -32.15
CA LEU A 172 -1.29 1.22 -31.99
C LEU A 172 -2.80 1.12 -32.10
N TRP A 173 -3.51 1.75 -31.17
CA TRP A 173 -4.96 1.65 -31.07
C TRP A 173 -5.59 3.02 -31.25
N ASP A 174 -6.89 3.02 -31.52
CA ASP A 174 -7.74 4.18 -31.35
C ASP A 174 -8.83 3.80 -30.36
N ILE A 175 -9.04 4.65 -29.37
CA ILE A 175 -9.75 4.21 -28.18
C ILE A 175 -11.26 4.19 -28.36
N GLU A 176 -11.81 5.06 -29.22
CA GLU A 176 -13.26 5.07 -29.39
C GLU A 176 -13.73 3.88 -30.19
N THR A 177 -13.01 3.51 -31.26
CA THR A 177 -13.39 2.35 -32.04
C THR A 177 -13.05 1.05 -31.32
N GLY A 178 -11.87 0.98 -30.73
CA GLY A 178 -11.43 -0.20 -30.02
C GLY A 178 -10.62 -1.19 -30.83
N GLN A 179 -10.18 -0.81 -32.03
CA GLN A 179 -9.46 -1.71 -32.92
C GLN A 179 -8.02 -1.25 -33.09
N GLN A 180 -7.16 -2.20 -33.46
CA GLN A 180 -5.76 -1.93 -33.71
C GLN A 180 -5.61 -1.22 -35.05
N THR A 181 -5.09 0.00 -35.02
CA THR A 181 -4.83 0.74 -36.25
C THR A 181 -3.58 0.23 -36.97
N THR A 182 -2.56 -0.16 -36.21
CA THR A 182 -1.30 -0.62 -36.79
C THR A 182 -0.63 -1.58 -35.83
N THR A 183 0.10 -2.55 -36.38
CA THR A 183 0.87 -3.48 -35.58
C THR A 183 2.31 -3.50 -36.06
N PHE A 184 3.24 -3.49 -35.12
CA PHE A 184 4.67 -3.50 -35.41
C PHE A 184 5.22 -4.87 -35.02
N THR A 185 5.81 -5.58 -35.98
CA THR A 185 6.25 -6.96 -35.79
C THR A 185 7.65 -7.14 -36.36
N GLY A 186 8.67 -6.98 -35.51
CA GLY A 186 10.02 -7.32 -35.93
C GLY A 186 10.87 -8.01 -34.89
N HIS A 187 10.38 -8.10 -33.66
CA HIS A 187 11.18 -8.70 -32.59
C HIS A 187 11.07 -10.23 -32.65
N THR A 188 11.94 -10.89 -31.89
CA THR A 188 11.90 -12.35 -31.77
C THR A 188 11.78 -12.82 -30.34
N GLY A 189 11.70 -11.90 -29.38
CA GLY A 189 11.47 -12.26 -27.99
C GLY A 189 10.38 -11.40 -27.41
N ASP A 190 10.18 -11.47 -26.09
CA ASP A 190 9.18 -10.62 -25.46
C ASP A 190 9.62 -9.16 -25.55
N VAL A 191 8.63 -8.26 -25.55
CA VAL A 191 8.90 -6.83 -25.56
C VAL A 191 8.60 -6.31 -24.16
N MET A 192 9.59 -5.67 -23.54
CA MET A 192 9.53 -5.37 -22.12
C MET A 192 9.40 -3.89 -21.79
N SER A 193 9.64 -3.00 -22.75
CA SER A 193 9.58 -1.57 -22.46
C SER A 193 9.28 -0.81 -23.73
N LEU A 194 9.24 0.52 -23.62
CA LEU A 194 8.69 1.39 -24.66
C LEU A 194 8.97 2.83 -24.27
N SER A 195 9.15 3.68 -25.28
CA SER A 195 9.42 5.08 -25.02
C SER A 195 8.97 5.93 -26.21
N LEU A 196 8.22 6.99 -25.93
CA LEU A 196 7.77 7.92 -26.95
C LEU A 196 8.76 9.06 -27.11
N ALA A 197 8.98 9.48 -28.35
CA ALA A 197 9.84 10.61 -28.61
C ALA A 197 9.20 11.89 -28.08
N PRO A 198 10.01 12.94 -27.87
CA PRO A 198 9.46 14.19 -27.34
C PRO A 198 8.32 14.78 -28.16
N ASP A 199 8.37 14.63 -29.49
CA ASP A 199 7.30 15.10 -30.36
C ASP A 199 6.31 14.00 -30.72
N THR A 200 6.47 12.80 -30.15
CA THR A 200 5.56 11.68 -30.36
C THR A 200 5.41 11.35 -31.84
N ARG A 201 6.50 11.46 -32.58
CA ARG A 201 6.48 11.16 -34.01
C ARG A 201 7.03 9.78 -34.32
N LEU A 202 7.83 9.21 -33.42
CA LEU A 202 8.39 7.88 -33.55
C LEU A 202 8.90 7.44 -32.18
N PHE A 203 8.81 6.14 -31.91
CA PHE A 203 9.14 5.59 -30.61
C PHE A 203 10.18 4.49 -30.75
N VAL A 204 10.59 3.93 -29.61
CA VAL A 204 11.64 2.92 -29.55
C VAL A 204 11.24 1.87 -28.53
N SER A 205 11.64 0.62 -28.77
CA SER A 205 11.25 -0.51 -27.94
C SER A 205 12.46 -1.36 -27.61
N GLY A 206 12.36 -2.08 -26.49
CA GLY A 206 13.40 -2.99 -26.07
C GLY A 206 12.87 -4.35 -25.70
N ALA A 207 13.45 -5.41 -26.24
CA ALA A 207 12.91 -6.76 -26.13
C ALA A 207 13.92 -7.69 -25.46
N CYS A 208 13.51 -8.95 -25.31
CA CYS A 208 14.37 -9.99 -24.75
C CYS A 208 15.32 -10.60 -25.77
N ASP A 209 15.44 -9.99 -26.95
CA ASP A 209 16.47 -10.37 -27.92
C ASP A 209 17.82 -9.79 -27.57
N ALA A 210 17.88 -8.89 -26.59
CA ALA A 210 19.04 -8.03 -26.37
C ALA A 210 19.23 -7.09 -27.56
N SER A 211 18.12 -6.62 -28.13
CA SER A 211 18.15 -5.66 -29.22
C SER A 211 17.03 -4.66 -29.04
N ALA A 212 17.21 -3.49 -29.65
CA ALA A 212 16.22 -2.42 -29.62
C ALA A 212 15.97 -1.94 -31.04
N LYS A 213 14.75 -1.48 -31.30
CA LYS A 213 14.34 -1.08 -32.63
C LYS A 213 13.67 0.28 -32.59
N LEU A 214 13.72 0.98 -33.72
CA LEU A 214 13.16 2.33 -33.84
C LEU A 214 12.05 2.30 -34.88
N TRP A 215 10.81 2.48 -34.43
CA TRP A 215 9.65 2.50 -35.30
C TRP A 215 9.19 3.93 -35.53
N ASP A 216 8.34 4.10 -36.54
CA ASP A 216 7.65 5.36 -36.77
C ASP A 216 6.15 5.08 -36.80
N VAL A 217 5.38 5.84 -36.03
CA VAL A 217 3.97 5.53 -35.83
C VAL A 217 3.18 5.73 -37.10
N ARG A 218 3.53 6.74 -37.89
CA ARG A 218 2.72 7.11 -39.05
C ARG A 218 2.81 6.11 -40.19
N GLU A 219 3.77 5.19 -40.19
CA GLU A 219 3.93 4.24 -41.27
C GLU A 219 4.14 2.79 -40.83
N GLY A 220 4.43 2.54 -39.56
CA GLY A 220 4.55 1.18 -39.07
C GLY A 220 5.71 0.39 -39.65
N MET A 221 6.87 1.02 -39.81
CA MET A 221 8.05 0.37 -40.35
C MET A 221 9.22 0.57 -39.39
N CYS A 222 10.02 -0.48 -39.22
CA CYS A 222 11.23 -0.39 -38.41
C CYS A 222 12.31 0.33 -39.20
N ARG A 223 12.91 1.34 -38.59
CA ARG A 223 13.91 2.16 -39.28
C ARG A 223 15.33 1.69 -39.01
N GLN A 224 15.68 1.46 -37.74
CA GLN A 224 17.02 1.03 -37.38
C GLN A 224 16.92 0.01 -36.26
N THR A 225 17.97 -0.80 -36.14
CA THR A 225 18.08 -1.80 -35.08
C THR A 225 19.40 -1.61 -34.36
N PHE A 226 19.34 -1.56 -33.03
CA PHE A 226 20.51 -1.31 -32.19
C PHE A 226 20.78 -2.53 -31.33
N THR A 227 22.01 -3.03 -31.38
CA THR A 227 22.40 -4.20 -30.63
C THR A 227 23.71 -3.92 -29.88
N GLY A 228 24.04 -4.82 -28.96
CA GLY A 228 25.23 -4.64 -28.16
C GLY A 228 25.10 -5.12 -26.73
N HIS A 229 23.87 -5.26 -26.23
CA HIS A 229 23.68 -5.84 -24.92
C HIS A 229 23.92 -7.35 -24.98
N GLU A 230 24.00 -7.97 -23.80
CA GLU A 230 24.27 -9.39 -23.70
C GLU A 230 23.13 -10.20 -23.11
N SER A 231 22.09 -9.54 -22.61
CA SER A 231 20.95 -10.25 -22.03
C SER A 231 19.71 -9.41 -22.28
N ASP A 232 18.63 -9.76 -21.57
CA ASP A 232 17.36 -9.06 -21.72
C ASP A 232 17.51 -7.60 -21.29
N ILE A 233 16.83 -6.71 -22.01
CA ILE A 233 16.83 -5.29 -21.67
C ILE A 233 15.45 -4.93 -21.13
N ASN A 234 15.42 -4.32 -19.95
CA ASN A 234 14.20 -4.11 -19.20
C ASN A 234 13.70 -2.68 -19.23
N ALA A 235 14.50 -1.73 -19.71
CA ALA A 235 14.13 -0.32 -19.65
C ALA A 235 14.68 0.40 -20.87
N ILE A 236 14.11 1.58 -21.13
CA ILE A 236 14.41 2.35 -22.32
C ILE A 236 13.93 3.77 -22.07
N CYS A 237 14.64 4.75 -22.63
CA CYS A 237 14.28 6.15 -22.42
C CYS A 237 15.02 7.04 -23.41
N PHE A 238 14.31 8.02 -23.97
CA PHE A 238 14.93 9.03 -24.83
C PHE A 238 15.72 10.07 -24.06
N PHE A 239 16.80 10.53 -24.68
CA PHE A 239 17.45 11.77 -24.31
C PHE A 239 16.49 12.94 -24.57
N PRO A 240 16.58 14.02 -23.78
CA PRO A 240 15.63 15.13 -23.95
C PRO A 240 15.67 15.77 -25.33
N ASN A 241 16.81 15.76 -26.01
CA ASN A 241 16.87 16.29 -27.37
C ASN A 241 16.10 15.43 -28.35
N GLY A 242 15.91 14.15 -28.05
CA GLY A 242 15.25 13.24 -28.97
C GLY A 242 16.17 12.63 -30.00
N ASN A 243 17.49 12.67 -29.77
CA ASN A 243 18.46 12.15 -30.73
C ASN A 243 19.32 11.03 -30.14
N ALA A 244 18.92 10.48 -29.00
CA ALA A 244 19.65 9.38 -28.38
C ALA A 244 18.75 8.79 -27.30
N PHE A 245 19.14 7.60 -26.82
CA PHE A 245 18.39 6.93 -25.77
C PHE A 245 19.32 6.03 -24.98
N ALA A 246 18.84 5.59 -23.83
CA ALA A 246 19.60 4.72 -22.94
C ALA A 246 18.79 3.48 -22.60
N THR A 247 19.48 2.39 -22.30
CA THR A 247 18.87 1.11 -22.04
C THR A 247 19.39 0.53 -20.73
N GLY A 248 18.64 -0.43 -20.18
CA GLY A 248 19.07 -1.15 -19.00
C GLY A 248 18.73 -2.62 -19.13
N SER A 249 19.66 -3.51 -18.75
CA SER A 249 19.49 -4.93 -19.02
C SER A 249 19.77 -5.74 -17.76
N ASP A 250 19.53 -7.05 -17.88
CA ASP A 250 19.96 -8.03 -16.90
C ASP A 250 21.48 -8.20 -16.88
N ASP A 251 22.17 -7.62 -17.85
CA ASP A 251 23.62 -7.62 -17.94
C ASP A 251 24.28 -6.85 -16.81
N ALA A 252 23.52 -6.07 -16.05
CA ALA A 252 24.05 -5.16 -15.02
C ALA A 252 24.80 -4.00 -15.67
N THR A 253 24.27 -3.50 -16.77
CA THR A 253 24.91 -2.44 -17.54
C THR A 253 23.87 -1.64 -18.29
N CYS A 254 24.04 -0.32 -18.30
CA CYS A 254 23.31 0.57 -19.19
C CYS A 254 24.25 1.03 -20.30
N ARG A 255 23.67 1.67 -21.31
CA ARG A 255 24.50 2.20 -22.38
C ARG A 255 23.70 3.13 -23.26
N LEU A 256 24.40 4.08 -23.87
CA LEU A 256 23.80 5.17 -24.62
C LEU A 256 23.97 4.93 -26.11
N PHE A 257 22.86 5.00 -26.84
CA PHE A 257 22.87 4.82 -28.29
C PHE A 257 22.56 6.14 -28.98
N ASP A 258 22.95 6.22 -30.25
CA ASP A 258 22.84 7.44 -31.05
C ASP A 258 22.05 7.15 -32.31
N LEU A 259 20.98 7.92 -32.54
CA LEU A 259 20.12 7.68 -33.69
C LEU A 259 20.74 8.15 -35.00
N ARG A 260 21.63 9.13 -34.98
CA ARG A 260 22.22 9.66 -36.20
C ARG A 260 23.54 9.00 -36.56
N ALA A 261 24.40 8.71 -35.57
CA ALA A 261 25.58 7.91 -35.83
C ALA A 261 25.25 6.43 -35.95
N ASP A 262 24.11 6.00 -35.43
CA ASP A 262 23.61 4.64 -35.63
C ASP A 262 24.47 3.59 -34.93
N GLN A 263 24.87 3.86 -33.70
CA GLN A 263 25.70 2.89 -32.98
C GLN A 263 25.79 3.29 -31.51
N GLU A 264 26.38 2.39 -30.73
CA GLU A 264 26.63 2.64 -29.31
C GLU A 264 27.54 3.83 -29.12
N LEU A 265 27.43 4.47 -27.95
CA LEU A 265 28.16 5.70 -27.72
C LEU A 265 28.89 5.67 -26.38
N MET A 266 28.38 4.91 -25.40
CA MET A 266 29.02 4.80 -24.11
C MET A 266 28.29 3.76 -23.26
N THR A 267 29.01 3.21 -22.28
CA THR A 267 28.47 2.19 -21.38
C THR A 267 28.74 2.58 -19.93
N TYR A 268 27.76 2.29 -19.06
CA TYR A 268 27.78 2.70 -17.66
C TYR A 268 27.77 1.45 -16.78
N SER A 269 28.96 0.97 -16.42
CA SER A 269 29.10 -0.23 -15.61
C SER A 269 30.09 -0.01 -14.49
N HIS A 270 29.90 -0.74 -13.39
CA HIS A 270 30.80 -0.73 -12.26
C HIS A 270 31.25 -2.15 -11.98
N ASP A 271 32.45 -2.30 -11.43
CA ASP A 271 33.04 -3.61 -11.24
C ASP A 271 32.42 -4.38 -10.09
N ASN A 272 31.74 -3.70 -9.16
CA ASN A 272 31.12 -4.35 -8.01
C ASN A 272 29.59 -4.27 -8.06
N ILE A 273 29.04 -4.09 -9.26
CA ILE A 273 27.60 -4.20 -9.49
C ILE A 273 27.41 -5.40 -10.40
N ILE A 274 26.79 -6.45 -9.88
CA ILE A 274 26.64 -7.70 -10.63
C ILE A 274 25.16 -8.05 -10.75
N CYS A 275 24.32 -7.03 -10.80
CA CYS A 275 22.88 -7.24 -10.70
C CYS A 275 22.15 -6.40 -11.75
N GLY A 276 20.95 -6.83 -12.10
CA GLY A 276 20.23 -6.23 -13.21
C GLY A 276 19.65 -4.86 -12.88
N ILE A 277 19.24 -4.16 -13.94
CA ILE A 277 18.62 -2.84 -13.85
C ILE A 277 17.14 -2.99 -14.16
N THR A 278 16.28 -2.38 -13.34
CA THR A 278 14.85 -2.48 -13.52
C THR A 278 14.23 -1.28 -14.22
N SER A 279 14.86 -0.11 -14.16
CA SER A 279 14.29 1.10 -14.72
C SER A 279 15.40 2.08 -15.08
N VAL A 280 15.05 3.08 -15.88
CA VAL A 280 16.00 4.07 -16.36
C VAL A 280 15.27 5.38 -16.59
N SER A 281 15.92 6.49 -16.27
CA SER A 281 15.35 7.80 -16.51
C SER A 281 16.49 8.82 -16.60
N PHE A 282 16.17 9.97 -17.18
CA PHE A 282 17.13 11.04 -17.40
C PHE A 282 16.80 12.24 -16.51
N SER A 283 17.53 13.32 -16.71
CA SER A 283 17.27 14.58 -16.02
C SER A 283 16.76 15.61 -17.02
N LYS A 284 16.36 16.76 -16.51
CA LYS A 284 15.73 17.76 -17.37
C LYS A 284 16.71 18.29 -18.42
N SER A 285 17.97 18.51 -18.04
CA SER A 285 18.99 18.92 -18.98
C SER A 285 19.68 17.74 -19.66
N GLY A 286 19.41 16.52 -19.20
CA GLY A 286 20.06 15.35 -19.77
C GLY A 286 21.50 15.17 -19.39
N ARG A 287 21.93 15.74 -18.27
CA ARG A 287 23.33 15.65 -17.88
C ARG A 287 23.62 14.47 -16.96
N LEU A 288 22.63 13.99 -16.22
CA LEU A 288 22.85 12.87 -15.33
C LEU A 288 21.70 11.87 -15.49
N LEU A 289 22.04 10.60 -15.32
CA LEU A 289 21.16 9.48 -15.65
C LEU A 289 20.87 8.67 -14.40
N LEU A 290 19.58 8.48 -14.10
CA LEU A 290 19.15 7.67 -12.98
C LEU A 290 18.93 6.24 -13.44
N ALA A 291 19.03 5.31 -12.50
CA ALA A 291 18.85 3.90 -12.83
C ALA A 291 18.54 3.12 -11.56
N GLY A 292 17.49 2.31 -11.61
CA GLY A 292 17.08 1.49 -10.48
C GLY A 292 17.64 0.09 -10.61
N TYR A 293 18.08 -0.46 -9.48
CA TYR A 293 18.72 -1.77 -9.43
C TYR A 293 17.93 -2.70 -8.54
N ASP A 294 18.26 -3.99 -8.62
CA ASP A 294 17.68 -4.98 -7.73
C ASP A 294 18.41 -5.04 -6.40
N ASP A 295 19.49 -4.27 -6.23
CA ASP A 295 20.27 -4.17 -5.00
C ASP A 295 19.56 -3.40 -3.91
N PHE A 296 18.30 -3.03 -4.12
CA PHE A 296 17.43 -2.28 -3.20
C PHE A 296 17.74 -0.79 -3.25
N ASN A 297 18.56 -0.33 -4.19
CA ASN A 297 18.90 1.09 -4.27
C ASN A 297 19.20 1.45 -5.72
N CYS A 298 19.18 2.75 -6.00
CA CYS A 298 19.35 3.25 -7.36
C CYS A 298 20.53 4.20 -7.42
N ASN A 299 21.25 4.16 -8.53
CA ASN A 299 22.49 4.91 -8.73
C ASN A 299 22.24 6.10 -9.65
N VAL A 300 23.06 7.13 -9.48
CA VAL A 300 23.05 8.32 -10.32
C VAL A 300 24.36 8.38 -11.08
N TRP A 301 24.29 8.52 -12.40
CA TRP A 301 25.45 8.49 -13.26
C TRP A 301 25.64 9.84 -13.94
N ASP A 302 26.89 10.15 -14.26
CA ASP A 302 27.22 11.35 -15.04
C ASP A 302 27.22 10.95 -16.50
N ALA A 303 26.18 11.38 -17.23
CA ALA A 303 25.92 10.84 -18.56
C ALA A 303 27.02 11.17 -19.56
N LEU A 304 27.75 12.26 -19.35
CA LEU A 304 28.79 12.67 -20.29
C LEU A 304 30.17 12.19 -19.91
N LYS A 305 30.33 11.53 -18.77
CA LYS A 305 31.64 11.07 -18.31
C LYS A 305 31.64 9.63 -17.81
N ALA A 306 30.49 9.05 -17.49
CA ALA A 306 30.30 7.68 -17.03
C ALA A 306 30.67 7.48 -15.57
N ASP A 307 31.12 8.53 -14.86
CA ASP A 307 31.39 8.40 -13.44
C ASP A 307 30.09 8.31 -12.65
N ARG A 308 30.17 7.70 -11.48
CA ARG A 308 29.06 7.74 -10.54
C ARG A 308 29.09 9.05 -9.75
N ALA A 309 27.91 9.60 -9.49
CA ALA A 309 27.80 10.87 -8.80
C ALA A 309 26.97 10.81 -7.53
N GLY A 310 26.33 9.69 -7.22
CA GLY A 310 25.52 9.63 -6.01
C GLY A 310 24.85 8.27 -5.89
N VAL A 311 24.05 8.16 -4.82
CA VAL A 311 23.31 6.94 -4.54
C VAL A 311 22.05 7.34 -3.77
N LEU A 312 20.95 6.63 -4.05
CA LEU A 312 19.67 6.87 -3.39
C LEU A 312 19.27 5.58 -2.68
N ALA A 313 19.74 5.43 -1.43
CA ALA A 313 19.51 4.21 -0.66
C ALA A 313 18.47 4.52 0.43
N GLY A 314 17.22 4.21 0.16
CA GLY A 314 16.16 4.39 1.14
C GLY A 314 15.08 3.33 1.12
N HIS A 315 15.29 2.28 0.33
CA HIS A 315 14.28 1.23 0.17
C HIS A 315 14.82 -0.08 0.73
N ASP A 316 13.88 -0.98 1.05
CA ASP A 316 14.21 -2.28 1.64
C ASP A 316 13.82 -3.44 0.74
N ASN A 317 13.70 -3.21 -0.55
CA ASN A 317 13.45 -4.27 -1.53
C ASN A 317 13.70 -3.67 -2.91
N ARG A 318 13.52 -4.50 -3.94
CA ARG A 318 13.85 -4.08 -5.30
C ARG A 318 13.07 -2.84 -5.71
N VAL A 319 13.77 -1.87 -6.30
CA VAL A 319 13.11 -0.69 -6.86
C VAL A 319 12.64 -1.06 -8.26
N SER A 320 11.32 -1.05 -8.46
CA SER A 320 10.73 -1.53 -9.70
C SER A 320 10.29 -0.42 -10.63
N CYS A 321 10.27 0.83 -10.18
CA CYS A 321 9.82 1.93 -11.01
C CYS A 321 10.51 3.22 -10.57
N LEU A 322 10.52 4.21 -11.46
CA LEU A 322 11.31 5.41 -11.27
C LEU A 322 10.89 6.44 -12.31
N GLY A 323 10.74 7.69 -11.89
CA GLY A 323 10.34 8.74 -12.82
C GLY A 323 10.77 10.11 -12.35
N VAL A 324 10.83 11.03 -13.30
CA VAL A 324 11.25 12.41 -13.06
C VAL A 324 10.20 13.36 -13.61
N THR A 325 9.88 14.40 -12.85
CA THR A 325 8.82 15.32 -13.23
C THR A 325 9.19 16.10 -14.48
N ASP A 326 8.18 16.64 -15.15
CA ASP A 326 8.40 17.37 -16.40
C ASP A 326 9.16 18.67 -16.18
N ASP A 327 9.06 19.26 -15.00
CA ASP A 327 9.82 20.45 -14.67
C ASP A 327 11.16 20.13 -14.00
N GLY A 328 11.49 18.85 -13.85
CA GLY A 328 12.78 18.46 -13.31
C GLY A 328 13.01 18.91 -11.90
N MET A 329 12.00 18.79 -11.04
CA MET A 329 12.10 19.26 -9.67
C MET A 329 12.24 18.15 -8.64
N ALA A 330 11.86 16.92 -8.99
CA ALA A 330 11.91 15.81 -8.04
C ALA A 330 11.94 14.51 -8.81
N VAL A 331 12.27 13.44 -8.10
CA VAL A 331 12.21 12.08 -8.63
C VAL A 331 11.44 11.24 -7.64
N ALA A 332 10.65 10.29 -8.15
CA ALA A 332 9.90 9.37 -7.32
C ALA A 332 10.32 7.95 -7.66
N THR A 333 10.45 7.11 -6.63
CA THR A 333 10.83 5.72 -6.80
C THR A 333 9.87 4.83 -6.04
N GLY A 334 9.38 3.79 -6.70
CA GLY A 334 8.59 2.77 -6.06
C GLY A 334 9.41 1.51 -5.91
N SER A 335 8.89 0.58 -5.11
CA SER A 335 9.63 -0.65 -4.87
C SER A 335 8.68 -1.73 -4.39
N TRP A 336 9.18 -2.97 -4.40
CA TRP A 336 8.49 -4.11 -3.80
C TRP A 336 8.36 -3.96 -2.29
N ASP A 337 9.11 -3.02 -1.70
CA ASP A 337 8.96 -2.63 -0.31
C ASP A 337 7.54 -2.22 0.06
N SER A 338 6.73 -1.83 -0.93
CA SER A 338 5.36 -1.35 -0.83
C SER A 338 5.25 0.13 -0.48
N PHE A 339 6.36 0.87 -0.51
CA PHE A 339 6.36 2.31 -0.32
C PHE A 339 6.94 2.97 -1.57
N LEU A 340 6.78 4.29 -1.66
CA LEU A 340 7.45 5.05 -2.70
C LEU A 340 7.78 6.43 -2.17
N LYS A 341 9.02 6.85 -2.38
CA LYS A 341 9.57 8.08 -1.83
C LYS A 341 9.65 9.15 -2.92
N ILE A 342 9.89 10.38 -2.49
CA ILE A 342 10.11 11.50 -3.39
C ILE A 342 11.39 12.19 -2.95
N TRP A 343 12.36 12.27 -3.85
CA TRP A 343 13.71 12.71 -3.56
C TRP A 343 13.97 14.03 -4.25
N ASN A 344 14.46 15.01 -3.52
CA ASN A 344 14.68 16.33 -4.09
C ASN A 344 16.06 16.85 -3.71
N ILE B 9 9.79 -20.21 -46.03
CA ILE B 9 11.03 -19.49 -46.31
C ILE B 9 10.74 -18.03 -46.62
N ALA B 10 9.46 -17.65 -46.54
CA ALA B 10 9.10 -16.25 -46.75
C ALA B 10 9.69 -15.36 -45.67
N GLN B 11 9.93 -15.91 -44.47
CA GLN B 11 10.59 -15.15 -43.42
C GLN B 11 11.99 -14.73 -43.85
N ALA B 12 12.70 -15.60 -44.55
CA ALA B 12 14.04 -15.25 -45.03
C ALA B 12 13.97 -14.11 -46.03
N ARG B 13 13.01 -14.15 -46.94
CA ARG B 13 12.85 -13.06 -47.91
C ARG B 13 12.53 -11.75 -47.22
N LYS B 14 11.63 -11.78 -46.24
CA LYS B 14 11.28 -10.57 -45.50
C LYS B 14 12.50 -10.02 -44.75
N LEU B 15 13.27 -10.91 -44.11
CA LEU B 15 14.45 -10.46 -43.39
C LEU B 15 15.48 -9.84 -44.33
N VAL B 16 15.69 -10.46 -45.50
CA VAL B 16 16.65 -9.91 -46.45
C VAL B 16 16.19 -8.54 -46.93
N GLU B 17 14.91 -8.40 -47.26
CA GLU B 17 14.40 -7.12 -47.73
C GLU B 17 14.54 -6.03 -46.66
N GLN B 18 14.24 -6.37 -45.40
CA GLN B 18 14.29 -5.35 -44.37
C GLN B 18 15.73 -5.00 -44.02
N LEU B 19 16.65 -5.97 -44.09
CA LEU B 19 18.07 -5.66 -43.92
C LEU B 19 18.57 -4.74 -45.02
N LYS B 20 18.14 -4.99 -46.27
CA LYS B 20 18.51 -4.08 -47.36
C LYS B 20 17.93 -2.69 -47.12
N MET B 21 16.73 -2.63 -46.54
CA MET B 21 16.15 -1.33 -46.18
C MET B 21 17.00 -0.61 -45.14
N GLU B 22 17.48 -1.34 -44.13
CA GLU B 22 18.25 -0.71 -43.06
C GLU B 22 19.66 -0.33 -43.51
N ALA B 23 20.20 -1.02 -44.52
CA ALA B 23 21.58 -0.77 -44.92
C ALA B 23 21.77 0.56 -45.64
N ASN B 24 20.70 1.21 -46.07
CA ASN B 24 20.79 2.48 -46.79
C ASN B 24 20.37 3.61 -45.85
N ILE B 25 21.33 4.09 -45.07
CA ILE B 25 21.13 5.18 -44.12
C ILE B 25 22.25 6.19 -44.29
N ASP B 26 21.95 7.44 -43.98
CA ASP B 26 22.95 8.50 -43.99
C ASP B 26 23.47 8.67 -42.57
N ARG B 27 24.75 8.39 -42.36
CA ARG B 27 25.35 8.39 -41.04
C ARG B 27 26.34 9.54 -40.91
N ILE B 28 26.37 10.16 -39.74
CA ILE B 28 27.30 11.23 -39.44
C ILE B 28 28.39 10.68 -38.53
N LYS B 29 29.46 11.44 -38.39
CA LYS B 29 30.58 11.00 -37.55
C LYS B 29 30.18 10.99 -36.08
N VAL B 30 30.92 10.21 -35.29
CA VAL B 30 30.64 10.13 -33.87
C VAL B 30 31.00 11.42 -33.16
N SER B 31 32.05 12.11 -33.63
CA SER B 31 32.47 13.34 -32.98
C SER B 31 31.39 14.41 -33.07
N LYS B 32 30.72 14.50 -34.22
CA LYS B 32 29.67 15.51 -34.38
C LYS B 32 28.50 15.25 -33.43
N ALA B 33 28.08 13.99 -33.31
CA ALA B 33 26.99 13.66 -32.40
C ALA B 33 27.38 13.91 -30.94
N ALA B 34 28.61 13.55 -30.57
CA ALA B 34 29.06 13.82 -29.21
C ALA B 34 29.08 15.32 -28.94
N ALA B 35 29.54 16.11 -29.92
CA ALA B 35 29.55 17.56 -29.75
C ALA B 35 28.14 18.10 -29.59
N ASP B 36 27.17 17.57 -30.35
CA ASP B 36 25.80 18.05 -30.24
C ASP B 36 25.22 17.73 -28.86
N LEU B 37 25.45 16.52 -28.36
CA LEU B 37 24.96 16.18 -27.02
C LEU B 37 25.59 17.06 -25.95
N MET B 38 26.90 17.27 -26.04
CA MET B 38 27.58 18.11 -25.06
C MET B 38 27.08 19.55 -25.12
N ALA B 39 26.83 20.06 -26.34
CA ALA B 39 26.33 21.41 -26.50
C ALA B 39 24.95 21.57 -25.89
N TYR B 40 24.06 20.59 -26.10
CA TYR B 40 22.74 20.66 -25.48
C TYR B 40 22.85 20.65 -23.96
N CYS B 41 23.67 19.75 -23.42
CA CYS B 41 23.80 19.65 -21.97
C CYS B 41 24.35 20.94 -21.38
N GLU B 42 25.27 21.61 -22.10
CA GLU B 42 25.82 22.85 -21.60
C GLU B 42 24.83 24.00 -21.73
N ALA B 43 24.08 24.05 -22.83
CA ALA B 43 23.13 25.14 -23.03
C ALA B 43 22.00 25.10 -22.01
N HIS B 44 21.48 23.92 -21.70
CA HIS B 44 20.33 23.79 -20.81
C HIS B 44 20.73 23.47 -19.37
N ALA B 45 21.93 23.86 -18.96
CA ALA B 45 22.42 23.48 -17.63
C ALA B 45 21.76 24.26 -16.51
N LYS B 46 21.33 25.50 -16.77
CA LYS B 46 20.76 26.33 -15.71
C LYS B 46 19.36 25.90 -15.31
N GLU B 47 18.59 25.34 -16.23
CA GLU B 47 17.23 24.90 -15.93
C GLU B 47 17.20 23.46 -15.46
N ASP B 48 18.00 23.12 -14.46
CA ASP B 48 18.04 21.77 -13.90
C ASP B 48 18.11 21.87 -12.38
N PRO B 49 16.97 21.80 -11.69
CA PRO B 49 17.00 21.84 -10.23
C PRO B 49 17.77 20.70 -9.59
N LEU B 50 17.83 19.54 -10.25
CA LEU B 50 18.53 18.39 -9.67
C LEU B 50 20.04 18.53 -9.77
N LEU B 51 20.53 19.17 -10.83
CA LEU B 51 21.96 19.34 -11.01
C LEU B 51 22.49 20.43 -10.07
N THR B 52 21.88 21.61 -10.10
CA THR B 52 22.22 22.71 -9.21
C THR B 52 21.05 22.96 -8.28
N PRO B 53 21.14 22.52 -7.01
CA PRO B 53 19.99 22.67 -6.10
C PRO B 53 19.63 24.14 -5.89
N VAL B 54 18.33 24.40 -5.80
CA VAL B 54 17.80 25.75 -5.69
C VAL B 54 17.59 26.10 -4.22
N PRO B 55 17.45 27.38 -3.87
CA PRO B 55 17.21 27.74 -2.47
C PRO B 55 15.87 27.19 -1.98
N ALA B 56 15.80 26.94 -0.66
CA ALA B 56 14.62 26.35 -0.07
C ALA B 56 13.38 27.22 -0.18
N SER B 57 13.54 28.50 -0.50
CA SER B 57 12.37 29.35 -0.74
C SER B 57 11.58 28.87 -1.95
N GLU B 58 12.29 28.51 -3.02
CA GLU B 58 11.65 28.11 -4.28
C GLU B 58 11.35 26.63 -4.34
N ASN B 59 11.76 25.85 -3.36
CA ASN B 59 11.53 24.41 -3.37
C ASN B 59 10.12 24.11 -2.88
N PRO B 60 9.27 23.47 -3.68
CA PRO B 60 7.91 23.14 -3.22
C PRO B 60 7.82 21.88 -2.37
N PHE B 61 8.94 21.21 -2.11
CA PHE B 61 8.92 19.97 -1.33
C PHE B 61 9.67 20.14 -0.01
N VAL C 64 26.39 -4.86 57.90
CA VAL C 64 26.71 -5.30 56.54
C VAL C 64 25.45 -5.74 55.81
N THR C 65 24.43 -6.13 56.59
CA THR C 65 23.18 -6.57 55.99
C THR C 65 22.50 -5.46 55.21
N ALA C 66 22.52 -4.24 55.76
CA ALA C 66 21.91 -3.11 55.08
C ALA C 66 22.61 -2.82 53.75
N ILE C 67 23.94 -2.93 53.73
CA ILE C 67 24.68 -2.72 52.49
C ILE C 67 24.29 -3.77 51.45
N THR C 68 24.17 -5.03 51.88
CA THR C 68 23.78 -6.08 50.95
C THR C 68 22.38 -5.85 50.40
N ILE C 69 21.45 -5.43 51.27
CA ILE C 69 20.08 -5.18 50.83
C ILE C 69 20.05 -4.03 49.82
N MET C 70 20.78 -2.94 50.12
CA MET C 70 20.81 -1.81 49.21
C MET C 70 21.43 -2.19 47.86
N ALA C 71 22.52 -2.96 47.89
CA ALA C 71 23.14 -3.39 46.63
C ALA C 71 22.21 -4.28 45.83
N LEU C 72 21.51 -5.19 46.52
CA LEU C 72 20.54 -6.06 45.86
C LEU C 72 19.44 -5.26 45.16
N TYR C 73 18.82 -4.34 45.89
CA TYR C 73 17.77 -3.51 45.29
C TYR C 73 18.31 -2.70 44.13
N SER C 74 19.50 -2.12 44.29
CA SER C 74 20.06 -1.27 43.24
C SER C 74 20.35 -2.08 41.98
N ILE C 75 20.96 -3.26 42.13
CA ILE C 75 21.29 -4.06 40.96
C ILE C 75 20.03 -4.53 40.25
N VAL C 76 19.01 -4.95 41.02
CA VAL C 76 17.76 -5.39 40.41
C VAL C 76 17.13 -4.23 39.62
N CYS C 77 17.08 -3.04 40.23
CA CYS C 77 16.46 -1.90 39.58
C CYS C 77 17.20 -1.52 38.30
N VAL C 78 18.54 -1.47 38.36
CA VAL C 78 19.31 -1.05 37.20
C VAL C 78 19.16 -2.05 36.06
N VAL C 79 19.25 -3.35 36.37
CA VAL C 79 19.13 -4.37 35.33
C VAL C 79 17.75 -4.31 34.69
N GLY C 80 16.70 -4.22 35.50
CA GLY C 80 15.36 -4.19 34.95
C GLY C 80 15.13 -2.98 34.07
N LEU C 81 15.50 -1.78 34.56
CA LEU C 81 15.30 -0.57 33.78
C LEU C 81 16.08 -0.61 32.48
N PHE C 82 17.35 -1.02 32.54
CA PHE C 82 18.18 -1.06 31.33
C PHE C 82 17.60 -2.02 30.31
N GLY C 83 17.26 -3.24 30.73
CA GLY C 83 16.74 -4.22 29.79
C GLY C 83 15.44 -3.78 29.17
N ASN C 84 14.50 -3.29 29.99
CA ASN C 84 13.20 -2.90 29.44
C ASN C 84 13.33 -1.71 28.50
N PHE C 85 14.12 -0.70 28.87
CA PHE C 85 14.29 0.46 27.99
C PHE C 85 14.95 0.06 26.67
N LEU C 86 15.99 -0.80 26.74
CA LEU C 86 16.65 -1.22 25.52
C LEU C 86 15.70 -2.00 24.61
N VAL C 87 14.90 -2.90 25.19
CA VAL C 87 13.98 -3.69 24.38
C VAL C 87 12.93 -2.80 23.73
N MET C 88 12.32 -1.90 24.51
CA MET C 88 11.25 -1.08 23.97
C MET C 88 11.75 0.07 23.11
N TYR C 89 13.06 0.30 23.08
CA TYR C 89 13.64 1.19 22.08
C TYR C 89 13.97 0.44 20.79
N VAL C 90 14.55 -0.76 20.90
CA VAL C 90 14.86 -1.56 19.72
C VAL C 90 13.60 -1.91 18.95
N ILE C 91 12.48 -2.11 19.67
CA ILE C 91 11.23 -2.42 18.99
C ILE C 91 10.84 -1.29 18.05
N VAL C 92 10.82 -0.05 18.55
CA VAL C 92 10.41 1.07 17.73
C VAL C 92 11.47 1.41 16.68
N ARG C 93 12.73 1.05 16.91
CA ARG C 93 13.75 1.30 15.92
C ARG C 93 13.62 0.34 14.73
N TYR C 94 13.66 -0.96 15.00
CA TYR C 94 13.80 -1.95 13.93
C TYR C 94 12.53 -2.71 13.59
N THR C 95 11.66 -2.99 14.57
CA THR C 95 10.51 -3.85 14.31
C THR C 95 9.28 -3.07 13.86
N LYS C 96 9.14 -1.81 14.27
CA LYS C 96 8.12 -0.89 13.77
C LYS C 96 6.72 -1.20 14.30
N MET C 97 6.57 -2.29 15.05
CA MET C 97 5.30 -2.64 15.67
C MET C 97 4.20 -2.86 14.63
N LYS C 98 4.44 -3.84 13.76
CA LYS C 98 3.48 -4.18 12.71
C LYS C 98 2.68 -5.44 13.02
N THR C 99 3.25 -6.38 13.77
CA THR C 99 2.58 -7.61 14.15
C THR C 99 2.09 -7.52 15.60
N ALA C 100 1.08 -8.33 15.92
CA ALA C 100 0.50 -8.31 17.26
C ALA C 100 1.51 -8.72 18.31
N THR C 101 2.43 -9.63 17.98
CA THR C 101 3.42 -10.07 18.96
C THR C 101 4.34 -8.93 19.37
N ASN C 102 4.71 -8.06 18.42
CA ASN C 102 5.53 -6.90 18.75
C ASN C 102 4.78 -5.94 19.66
N ILE C 103 3.48 -5.76 19.42
CA ILE C 103 2.67 -4.91 20.29
C ILE C 103 2.63 -5.47 21.70
N TYR C 104 2.42 -6.78 21.82
CA TYR C 104 2.39 -7.42 23.13
C TYR C 104 3.72 -7.29 23.84
N ILE C 105 4.82 -7.49 23.12
CA ILE C 105 6.14 -7.39 23.73
C ILE C 105 6.42 -5.97 24.19
N PHE C 106 6.07 -4.98 23.38
CA PHE C 106 6.27 -3.59 23.77
C PHE C 106 5.47 -3.24 25.02
N ASN C 107 4.20 -3.67 25.06
CA ASN C 107 3.38 -3.39 26.23
C ASN C 107 3.93 -4.07 27.48
N LEU C 108 4.39 -5.31 27.34
CA LEU C 108 4.95 -6.03 28.48
C LEU C 108 6.21 -5.35 28.99
N ALA C 109 7.09 -4.92 28.07
CA ALA C 109 8.32 -4.24 28.48
C ALA C 109 8.01 -2.91 29.16
N LEU C 110 7.04 -2.16 28.64
CA LEU C 110 6.66 -0.90 29.28
C LEU C 110 6.14 -1.13 30.69
N ALA C 111 5.24 -2.10 30.85
CA ALA C 111 4.70 -2.38 32.18
C ALA C 111 5.80 -2.85 33.13
N ASP C 112 6.73 -3.67 32.64
CA ASP C 112 7.82 -4.14 33.49
C ASP C 112 8.70 -2.99 33.95
N ALA C 113 9.05 -2.07 33.03
CA ALA C 113 9.89 -0.93 33.39
C ALA C 113 9.19 -0.04 34.41
N LEU C 114 7.91 0.25 34.18
CA LEU C 114 7.17 1.08 35.13
C LEU C 114 7.08 0.42 36.49
N ALA C 115 6.85 -0.89 36.53
CA ALA C 115 6.77 -1.60 37.80
C ALA C 115 8.11 -1.59 38.54
N THR C 116 9.20 -1.77 37.80
CA THR C 116 10.52 -1.88 38.43
C THR C 116 11.13 -0.54 38.79
N SER C 117 10.60 0.57 38.26
CA SER C 117 11.13 1.89 38.60
C SER C 117 11.01 2.22 40.08
N THR C 118 10.06 1.61 40.80
CA THR C 118 9.74 1.98 42.18
C THR C 118 10.78 1.54 43.19
N LEU C 119 11.74 0.70 42.79
CA LEU C 119 12.68 0.11 43.75
C LEU C 119 13.51 1.13 44.54
N PRO C 120 14.06 2.20 43.94
CA PRO C 120 14.88 3.13 44.75
C PRO C 120 14.14 3.76 45.91
N PHE C 121 12.84 4.01 45.78
CA PHE C 121 12.07 4.56 46.90
C PHE C 121 12.09 3.60 48.09
N GLN C 122 11.87 2.31 47.83
CA GLN C 122 11.95 1.33 48.91
C GLN C 122 13.36 1.22 49.46
N SER C 123 14.36 1.33 48.60
CA SER C 123 15.75 1.26 49.07
C SER C 123 16.06 2.41 50.02
N VAL C 124 15.65 3.63 49.66
CA VAL C 124 15.92 4.78 50.52
C VAL C 124 15.10 4.70 51.80
N ASN C 125 13.86 4.18 51.71
CA ASN C 125 13.05 4.03 52.92
C ASN C 125 13.67 3.02 53.88
N TYR C 126 14.27 1.95 53.34
CA TYR C 126 14.92 0.98 54.21
C TYR C 126 16.20 1.56 54.80
N LEU C 127 17.00 2.25 54.00
CA LEU C 127 18.27 2.79 54.50
C LEU C 127 18.04 3.87 55.55
N MET C 128 17.07 4.74 55.33
CA MET C 128 16.81 5.82 56.28
C MET C 128 15.94 5.33 57.45
N GLY C 129 14.74 4.86 57.14
CA GLY C 129 13.83 4.37 58.15
C GLY C 129 12.49 5.10 58.22
N THR C 130 12.29 6.15 57.42
CA THR C 130 11.05 6.91 57.40
C THR C 130 10.63 7.13 55.96
N TRP C 131 9.52 7.85 55.78
CA TRP C 131 9.06 8.22 54.45
C TRP C 131 9.30 9.72 54.25
N PRO C 132 10.51 10.12 53.86
CA PRO C 132 10.81 11.55 53.77
C PRO C 132 10.36 12.18 52.46
N PHE C 133 9.51 11.49 51.71
CA PHE C 133 9.05 11.96 50.42
C PHE C 133 7.67 12.63 50.50
N GLY C 134 7.12 12.78 51.69
CA GLY C 134 5.86 13.45 51.88
C GLY C 134 4.67 12.63 51.43
N ASN C 135 3.48 13.10 51.79
CA ASN C 135 2.24 12.44 51.43
C ASN C 135 1.91 12.58 49.96
N ILE C 136 2.64 13.42 49.21
CA ILE C 136 2.37 13.60 47.79
C ILE C 136 2.87 12.45 46.94
N LEU C 137 3.66 11.54 47.51
CA LEU C 137 4.22 10.42 46.76
C LEU C 137 3.72 9.06 47.22
N CYS C 138 3.26 8.93 48.46
CA CYS C 138 2.76 7.64 48.95
C CYS C 138 1.58 7.16 48.11
N LYS C 139 0.57 8.02 47.95
CA LYS C 139 -0.64 7.63 47.24
C LYS C 139 -0.38 7.33 45.77
N ILE C 140 0.71 7.83 45.21
CA ILE C 140 1.06 7.58 43.82
C ILE C 140 2.05 6.43 43.70
N VAL C 141 3.03 6.35 44.59
CA VAL C 141 4.01 5.26 44.52
C VAL C 141 3.35 3.92 44.79
N ILE C 142 2.56 3.82 45.85
CA ILE C 142 1.92 2.54 46.15
C ILE C 142 0.89 2.19 45.09
N SER C 143 0.18 3.19 44.56
CA SER C 143 -0.77 2.93 43.49
C SER C 143 -0.08 2.38 42.25
N ILE C 144 1.06 2.98 41.87
CA ILE C 144 1.79 2.49 40.70
C ILE C 144 2.32 1.09 40.94
N ASP C 145 2.86 0.83 42.14
CA ASP C 145 3.41 -0.47 42.45
C ASP C 145 2.35 -1.57 42.37
N TYR C 146 1.19 -1.32 42.97
CA TYR C 146 0.11 -2.31 42.90
C TYR C 146 -0.48 -2.41 41.51
N TYR C 147 -0.49 -1.31 40.74
CA TYR C 147 -1.12 -1.29 39.44
C TYR C 147 -0.27 -1.94 38.37
N ASN C 148 1.05 -1.82 38.46
CA ASN C 148 1.88 -2.37 37.34
C ASN C 148 2.15 -3.85 37.59
N MET C 149 1.52 -4.45 38.63
CA MET C 149 1.66 -5.89 38.93
C MET C 149 0.64 -6.65 38.07
N PHE C 150 -0.64 -6.27 38.14
CA PHE C 150 -1.70 -6.98 37.37
C PHE C 150 -1.51 -6.76 35.87
N THR C 151 -1.09 -5.54 35.45
CA THR C 151 -0.89 -5.23 34.04
C THR C 151 0.24 -6.05 33.45
N SER C 152 1.24 -6.42 34.25
CA SER C 152 2.31 -7.28 33.76
C SER C 152 1.86 -8.74 33.68
N ILE C 153 1.09 -9.21 34.64
CA ILE C 153 0.63 -10.59 34.62
C ILE C 153 -0.32 -10.83 33.46
N PHE C 154 -1.25 -9.91 33.23
CA PHE C 154 -2.28 -10.13 32.22
C PHE C 154 -1.69 -10.13 30.81
N THR C 155 -0.57 -9.45 30.59
CA THR C 155 0.05 -9.51 29.27
C THR C 155 0.66 -10.87 29.00
N LEU C 156 1.27 -11.50 30.02
CA LEU C 156 1.74 -12.87 29.87
C LEU C 156 0.57 -13.81 29.57
N CYS C 157 -0.53 -13.65 30.31
CA CYS C 157 -1.69 -14.51 30.07
C CYS C 157 -2.23 -14.32 28.66
N THR C 158 -2.28 -13.07 28.19
CA THR C 158 -2.78 -12.80 26.85
C THR C 158 -1.87 -13.39 25.78
N MET C 159 -0.55 -13.30 25.97
CA MET C 159 0.36 -13.90 25.01
C MET C 159 0.20 -15.41 24.96
N SER C 160 0.06 -16.06 26.11
CA SER C 160 -0.14 -17.50 26.11
C SER C 160 -1.43 -17.90 25.41
N VAL C 161 -2.52 -17.17 25.67
CA VAL C 161 -3.79 -17.48 25.02
C VAL C 161 -3.69 -17.22 23.52
N ASP C 162 -2.98 -16.18 23.12
CA ASP C 162 -2.81 -15.88 21.69
C ASP C 162 -2.07 -17.00 20.98
N ARG C 163 -0.99 -17.50 21.58
CA ARG C 163 -0.27 -18.61 20.96
C ARG C 163 -1.11 -19.87 20.91
N TYR C 164 -1.87 -20.16 21.97
CA TYR C 164 -2.74 -21.33 21.95
C TYR C 164 -3.76 -21.24 20.83
N ILE C 165 -4.39 -20.07 20.66
CA ILE C 165 -5.38 -19.91 19.60
C ILE C 165 -4.72 -20.02 18.23
N ALA C 166 -3.52 -19.47 18.09
CA ALA C 166 -2.84 -19.50 16.79
C ALA C 166 -2.45 -20.92 16.39
N VAL C 167 -2.15 -21.79 17.35
CA VAL C 167 -1.67 -23.13 17.00
C VAL C 167 -2.80 -24.15 16.98
N CYS C 168 -3.80 -23.99 17.84
CA CYS C 168 -4.84 -25.00 17.98
C CYS C 168 -6.11 -24.71 17.21
N HIS C 169 -6.34 -23.46 16.79
CA HIS C 169 -7.48 -23.08 15.95
C HIS C 169 -6.95 -22.23 14.80
N PRO C 170 -6.29 -22.84 13.82
CA PRO C 170 -5.63 -22.04 12.78
C PRO C 170 -6.61 -21.30 11.88
N VAL C 171 -7.81 -21.84 11.68
CA VAL C 171 -8.75 -21.23 10.74
C VAL C 171 -9.50 -20.08 11.39
N LYS C 172 -10.03 -20.31 12.60
CA LYS C 172 -10.73 -19.23 13.30
C LYS C 172 -9.78 -18.12 13.70
N ALA C 173 -8.50 -18.42 13.89
CA ALA C 173 -7.52 -17.41 14.24
C ALA C 173 -7.22 -16.45 13.10
N LEU C 174 -7.67 -16.76 11.88
CA LEU C 174 -7.49 -15.81 10.78
C LEU C 174 -8.35 -14.58 10.98
N ASP C 175 -9.52 -14.72 11.60
CA ASP C 175 -10.40 -13.60 11.85
C ASP C 175 -9.91 -12.73 13.00
N PHE C 176 -9.34 -13.34 14.04
CA PHE C 176 -9.05 -12.61 15.27
C PHE C 176 -7.71 -11.90 15.22
N ARG C 177 -6.64 -12.64 14.92
CA ARG C 177 -5.28 -12.14 15.14
C ARG C 177 -4.94 -11.08 14.09
N THR C 178 -5.36 -9.86 14.37
CA THR C 178 -5.01 -8.67 13.61
C THR C 178 -4.51 -7.61 14.57
N PRO C 179 -3.66 -6.68 14.10
CA PRO C 179 -3.14 -5.65 15.01
C PRO C 179 -4.21 -4.77 15.63
N ARG C 180 -5.35 -4.60 14.97
CA ARG C 180 -6.44 -3.83 15.55
C ARG C 180 -6.95 -4.48 16.84
N ASN C 181 -7.22 -5.79 16.78
CA ASN C 181 -7.68 -6.50 17.98
C ASN C 181 -6.59 -6.57 19.04
N ALA C 182 -5.33 -6.65 18.63
CA ALA C 182 -4.24 -6.62 19.59
C ALA C 182 -4.23 -5.29 20.35
N LYS C 183 -4.40 -4.18 19.63
CA LYS C 183 -4.46 -2.88 20.28
C LYS C 183 -5.66 -2.79 21.21
N ILE C 184 -6.81 -3.31 20.79
CA ILE C 184 -8.00 -3.26 21.62
C ILE C 184 -7.79 -4.03 22.91
N VAL C 185 -7.21 -5.23 22.83
CA VAL C 185 -6.98 -6.03 24.03
C VAL C 185 -5.94 -5.36 24.93
N ASN C 186 -4.92 -4.75 24.33
CA ASN C 186 -3.93 -4.04 25.13
C ASN C 186 -4.56 -2.89 25.91
N VAL C 187 -5.45 -2.14 25.27
CA VAL C 187 -6.15 -1.07 25.97
C VAL C 187 -7.02 -1.62 27.09
N CYS C 188 -7.75 -2.71 26.79
CA CYS C 188 -8.63 -3.29 27.79
C CYS C 188 -7.85 -3.81 29.00
N ASN C 189 -6.59 -4.20 28.80
CA ASN C 189 -5.77 -4.66 29.92
C ASN C 189 -5.62 -3.55 30.97
N TRP C 190 -5.23 -2.35 30.54
CA TRP C 190 -5.12 -1.24 31.49
C TRP C 190 -6.47 -0.80 32.01
N ILE C 191 -7.50 -0.84 31.14
CA ILE C 191 -8.84 -0.46 31.58
C ILE C 191 -9.33 -1.38 32.70
N LEU C 192 -8.90 -2.64 32.70
CA LEU C 192 -9.29 -3.57 33.75
C LEU C 192 -8.34 -3.56 34.94
N SER C 193 -7.07 -3.18 34.74
CA SER C 193 -6.17 -3.03 35.88
C SER C 193 -6.46 -1.78 36.69
N SER C 194 -7.16 -0.80 36.08
CA SER C 194 -7.54 0.39 36.85
C SER C 194 -8.44 0.04 38.02
N ALA C 195 -9.23 -1.05 37.91
CA ALA C 195 -10.15 -1.43 38.98
C ALA C 195 -9.43 -1.77 40.28
N ILE C 196 -8.15 -2.13 40.22
CA ILE C 196 -7.34 -2.28 41.42
C ILE C 196 -6.36 -1.12 41.60
N GLY C 197 -6.02 -0.41 40.53
CA GLY C 197 -5.17 0.75 40.68
C GLY C 197 -5.82 1.88 41.46
N LEU C 198 -7.13 2.06 41.30
CA LEU C 198 -7.83 3.22 41.85
C LEU C 198 -8.09 3.11 43.36
N PRO C 199 -8.64 2.00 43.85
CA PRO C 199 -8.86 1.89 45.31
C PRO C 199 -7.59 2.02 46.12
N VAL C 200 -6.45 1.57 45.61
CA VAL C 200 -5.19 1.78 46.32
C VAL C 200 -4.84 3.26 46.34
N MET C 201 -5.13 3.97 45.25
CA MET C 201 -4.92 5.41 45.23
C MET C 201 -5.78 6.11 46.27
N PHE C 202 -7.04 5.69 46.40
CA PHE C 202 -7.93 6.32 47.36
C PHE C 202 -7.53 6.01 48.80
N MET C 203 -7.17 4.76 49.09
CA MET C 203 -6.91 4.33 50.45
C MET C 203 -5.45 4.42 50.87
N ALA C 204 -4.56 4.86 49.99
CA ALA C 204 -3.13 4.92 50.32
C ALA C 204 -2.89 6.07 51.28
N THR C 205 -2.96 5.79 52.57
CA THR C 205 -2.78 6.81 53.60
C THR C 205 -1.32 6.85 54.03
N THR C 206 -1.03 7.63 55.07
CA THR C 206 0.29 7.69 55.65
C THR C 206 0.15 8.18 57.09
N LYS C 207 0.38 7.28 58.05
CA LYS C 207 0.15 7.57 59.46
C LYS C 207 1.49 7.57 60.19
N TYR C 208 1.78 8.67 60.87
CA TYR C 208 3.01 8.77 61.66
C TYR C 208 2.91 7.87 62.88
N ARG C 209 3.78 6.87 62.95
CA ARG C 209 3.77 5.94 64.07
C ARG C 209 4.49 6.58 65.26
N GLN C 210 4.76 5.77 66.29
CA GLN C 210 5.48 6.28 67.46
C GLN C 210 6.89 6.73 67.08
N GLY C 211 7.55 5.97 66.21
CA GLY C 211 8.89 6.33 65.79
C GLY C 211 8.93 7.35 64.67
N SER C 212 8.31 7.04 63.55
CA SER C 212 8.34 7.91 62.38
C SER C 212 7.19 7.53 61.45
N ILE C 213 7.14 8.18 60.29
CA ILE C 213 6.08 7.96 59.30
C ILE C 213 6.39 6.71 58.51
N ASP C 214 5.34 6.09 57.97
CA ASP C 214 5.49 4.87 57.18
C ASP C 214 4.24 4.69 56.32
N CYS C 215 4.44 4.44 55.03
CA CYS C 215 3.31 4.22 54.14
C CYS C 215 2.55 2.96 54.55
N THR C 216 1.23 3.00 54.37
CA THR C 216 0.38 1.90 54.79
C THR C 216 -1.03 2.13 54.25
N LEU C 217 -1.69 1.04 53.88
CA LEU C 217 -3.06 1.10 53.38
C LEU C 217 -4.05 0.85 54.52
N THR C 218 -5.05 1.72 54.64
CA THR C 218 -6.12 1.57 55.62
C THR C 218 -7.45 1.64 54.89
N PHE C 219 -8.39 0.80 55.31
CA PHE C 219 -9.63 0.60 54.56
C PHE C 219 -10.87 1.12 55.29
N SER C 220 -11.13 0.62 56.49
CA SER C 220 -12.37 0.95 57.20
C SER C 220 -12.29 0.39 58.61
N HIS C 221 -13.39 0.52 59.36
CA HIS C 221 -13.42 0.00 60.73
C HIS C 221 -13.18 -1.50 60.79
N PRO C 222 -13.85 -2.34 60.01
CA PRO C 222 -13.48 -3.77 60.00
C PRO C 222 -12.14 -3.99 59.31
N THR C 223 -11.05 -3.61 59.99
CA THR C 223 -9.73 -3.63 59.36
C THR C 223 -9.32 -5.04 58.98
N TRP C 224 -9.54 -6.01 59.87
CA TRP C 224 -9.17 -7.39 59.56
C TRP C 224 -9.95 -7.91 58.35
N TYR C 225 -11.25 -7.65 58.31
CA TYR C 225 -12.07 -8.11 57.20
C TYR C 225 -11.58 -7.55 55.87
N TRP C 226 -11.40 -6.24 55.77
CA TRP C 226 -11.01 -5.63 54.51
C TRP C 226 -9.58 -6.02 54.12
N GLU C 227 -8.67 -6.07 55.09
CA GLU C 227 -7.29 -6.45 54.79
C GLU C 227 -7.21 -7.88 54.27
N ASN C 228 -7.92 -8.81 54.93
CA ASN C 228 -7.92 -10.19 54.46
C ASN C 228 -8.63 -10.31 53.13
N LEU C 229 -9.66 -9.50 52.87
CA LEU C 229 -10.30 -9.51 51.57
C LEU C 229 -9.32 -9.10 50.47
N LEU C 230 -8.56 -8.03 50.71
CA LEU C 230 -7.58 -7.60 49.72
C LEU C 230 -6.51 -8.66 49.50
N LYS C 231 -6.01 -9.26 50.58
CA LYS C 231 -4.99 -10.30 50.44
C LYS C 231 -5.52 -11.50 49.65
N ILE C 232 -6.73 -11.95 49.98
CA ILE C 232 -7.30 -13.11 49.31
C ILE C 232 -7.55 -12.82 47.84
N CYS C 233 -8.08 -11.63 47.53
CA CYS C 233 -8.33 -11.28 46.13
C CYS C 233 -7.04 -11.22 45.35
N VAL C 234 -5.99 -10.62 45.91
CA VAL C 234 -4.72 -10.54 45.21
C VAL C 234 -4.16 -11.93 44.97
N PHE C 235 -4.20 -12.78 45.99
CA PHE C 235 -3.72 -14.15 45.84
C PHE C 235 -4.46 -14.89 44.73
N ILE C 236 -5.79 -14.88 44.79
CA ILE C 236 -6.59 -15.65 43.85
C ILE C 236 -6.42 -15.14 42.42
N PHE C 237 -6.40 -13.81 42.24
CA PHE C 237 -6.39 -13.24 40.92
C PHE C 237 -5.00 -12.89 40.41
N ALA C 238 -3.94 -13.23 41.16
CA ALA C 238 -2.61 -13.02 40.64
C ALA C 238 -1.66 -14.18 40.85
N PHE C 239 -2.10 -15.28 41.45
CA PHE C 239 -1.21 -16.45 41.44
C PHE C 239 -1.89 -17.72 40.97
N ILE C 240 -3.17 -17.91 41.30
CA ILE C 240 -3.83 -19.17 40.95
C ILE C 240 -4.33 -19.12 39.50
N MET C 241 -5.01 -18.05 39.12
CA MET C 241 -5.56 -17.95 37.78
C MET C 241 -4.48 -17.93 36.70
N PRO C 242 -3.47 -17.07 36.76
CA PRO C 242 -2.45 -17.06 35.69
C PRO C 242 -1.70 -18.36 35.55
N VAL C 243 -1.38 -19.02 36.67
CA VAL C 243 -0.64 -20.28 36.60
C VAL C 243 -1.45 -21.33 35.86
N LEU C 244 -2.73 -21.46 36.23
CA LEU C 244 -3.60 -22.42 35.57
C LEU C 244 -3.75 -22.11 34.09
N ILE C 245 -3.95 -20.83 33.76
CA ILE C 245 -4.19 -20.46 32.37
C ILE C 245 -2.97 -20.77 31.52
N ILE C 246 -1.78 -20.33 31.96
CA ILE C 246 -0.59 -20.53 31.14
C ILE C 246 -0.24 -22.02 31.06
N THR C 247 -0.39 -22.76 32.17
CA THR C 247 -0.06 -24.17 32.15
C THR C 247 -0.96 -24.93 31.20
N VAL C 248 -2.28 -24.70 31.27
CA VAL C 248 -3.21 -25.41 30.41
C VAL C 248 -2.98 -25.05 28.95
N CYS C 249 -2.83 -23.76 28.66
CA CYS C 249 -2.68 -23.33 27.27
C CYS C 249 -1.41 -23.90 26.65
N TYR C 250 -0.28 -23.81 27.37
CA TYR C 250 0.96 -24.31 26.82
C TYR C 250 0.96 -25.83 26.75
N GLY C 251 0.32 -26.52 27.69
CA GLY C 251 0.25 -27.97 27.62
C GLY C 251 -0.52 -28.45 26.41
N LEU C 252 -1.69 -27.85 26.16
CA LEU C 252 -2.45 -28.24 24.96
C LEU C 252 -1.71 -27.87 23.68
N MET C 253 -1.03 -26.72 23.66
CA MET C 253 -0.27 -26.35 22.48
C MET C 253 0.84 -27.36 22.19
N ILE C 254 1.58 -27.77 23.23
CA ILE C 254 2.66 -28.72 23.03
C ILE C 254 2.12 -30.09 22.64
N LEU C 255 0.96 -30.48 23.18
CA LEU C 255 0.37 -31.75 22.78
C LEU C 255 -0.02 -31.72 21.31
N ARG C 256 -0.60 -30.62 20.84
CA ARG C 256 -0.99 -30.57 19.43
C ARG C 256 0.21 -30.45 18.51
N LEU C 257 1.31 -29.86 18.99
CA LEU C 257 2.46 -29.68 18.11
C LEU C 257 3.21 -30.96 17.82
N LYS C 258 2.76 -32.16 18.19
CA LYS C 258 3.45 -33.38 17.83
C LYS C 258 2.90 -34.03 16.56
N SER C 259 1.66 -33.72 16.18
CA SER C 259 1.07 -34.29 14.99
C SER C 259 1.43 -33.54 13.72
N VAL C 260 2.09 -32.39 13.83
CA VAL C 260 2.43 -31.59 12.65
C VAL C 260 3.54 -32.29 11.87
N ARG C 261 3.34 -32.42 10.56
CA ARG C 261 4.31 -33.12 9.72
C ARG C 261 5.65 -32.40 9.64
N MET C 262 5.70 -31.12 9.95
CA MET C 262 6.90 -30.32 9.79
C MET C 262 7.82 -30.38 11.00
N LEU C 263 7.46 -31.13 12.04
CA LEU C 263 8.26 -31.27 13.25
C LEU C 263 8.40 -32.72 13.64
N SER C 264 8.52 -33.60 12.65
CA SER C 264 8.59 -35.04 12.90
C SER C 264 9.26 -35.72 11.72
N GLY C 265 9.69 -36.96 11.95
CA GLY C 265 10.23 -37.79 10.88
C GLY C 265 11.61 -37.40 10.40
N SER C 266 12.41 -36.75 11.24
CA SER C 266 13.77 -36.39 10.88
C SER C 266 14.54 -36.06 12.16
N LYS C 267 15.72 -35.49 12.01
CA LYS C 267 16.55 -35.09 13.13
C LYS C 267 16.45 -33.59 13.42
N GLU C 268 16.57 -32.76 12.39
CA GLU C 268 16.46 -31.32 12.58
C GLU C 268 15.06 -30.92 13.04
N LYS C 269 14.04 -31.59 12.50
CA LYS C 269 12.67 -31.29 12.90
C LYS C 269 12.44 -31.64 14.37
N ASP C 270 12.95 -32.79 14.81
CA ASP C 270 12.84 -33.16 16.21
C ASP C 270 13.64 -32.21 17.09
N ARG C 271 14.78 -31.71 16.60
CA ARG C 271 15.54 -30.71 17.36
C ARG C 271 14.73 -29.43 17.53
N ASN C 272 14.02 -29.01 16.47
CA ASN C 272 13.17 -27.83 16.58
C ASN C 272 12.05 -28.04 17.58
N LEU C 273 11.43 -29.22 17.55
CA LEU C 273 10.39 -29.52 18.53
C LEU C 273 10.93 -29.48 19.96
N ARG C 274 12.12 -30.06 20.17
CA ARG C 274 12.73 -30.02 21.49
C ARG C 274 13.00 -28.59 21.93
N ARG C 275 13.49 -27.75 21.01
CA ARG C 275 13.78 -26.36 21.36
C ARG C 275 12.51 -25.63 21.78
N ILE C 276 11.41 -25.83 21.03
CA ILE C 276 10.16 -25.14 21.36
C ILE C 276 9.66 -25.58 22.73
N THR C 277 9.63 -26.89 22.97
CA THR C 277 9.12 -27.38 24.24
C THR C 277 9.99 -26.93 25.41
N ARG C 278 11.32 -26.90 25.20
CA ARG C 278 12.22 -26.44 26.25
C ARG C 278 11.98 -24.98 26.59
N MET C 279 11.78 -24.14 25.58
CA MET C 279 11.54 -22.72 25.86
C MET C 279 10.23 -22.50 26.59
N VAL C 280 9.18 -23.23 26.21
CA VAL C 280 7.90 -23.10 26.91
C VAL C 280 8.04 -23.50 28.37
N LEU C 281 8.72 -24.62 28.62
CA LEU C 281 8.92 -25.08 29.99
C LEU C 281 9.73 -24.07 30.78
N VAL C 282 10.74 -23.45 30.15
CA VAL C 282 11.54 -22.44 30.83
C VAL C 282 10.68 -21.27 31.27
N VAL C 283 9.79 -20.80 30.38
CA VAL C 283 8.93 -19.67 30.72
C VAL C 283 8.05 -20.01 31.93
N VAL C 284 7.41 -21.18 31.89
CA VAL C 284 6.50 -21.54 32.99
C VAL C 284 7.26 -21.67 34.30
N ALA C 285 8.42 -22.33 34.27
CA ALA C 285 9.20 -22.52 35.50
C ALA C 285 9.68 -21.19 36.05
N VAL C 286 10.08 -20.27 35.17
CA VAL C 286 10.53 -18.95 35.63
C VAL C 286 9.41 -18.22 36.35
N PHE C 287 8.21 -18.22 35.77
CA PHE C 287 7.08 -17.57 36.44
C PHE C 287 6.82 -18.17 37.82
N ILE C 288 6.72 -19.51 37.88
CA ILE C 288 6.38 -20.16 39.15
C ILE C 288 7.44 -19.85 40.21
N VAL C 289 8.71 -20.03 39.85
CA VAL C 289 9.79 -19.88 40.83
C VAL C 289 9.90 -18.43 41.29
N CYS C 290 9.69 -17.47 40.38
CA CYS C 290 9.84 -16.07 40.78
C CYS C 290 8.67 -15.58 41.61
N TRP C 291 7.46 -16.13 41.43
CA TRP C 291 6.32 -15.53 42.11
C TRP C 291 5.83 -16.28 43.34
N THR C 292 6.11 -17.58 43.48
CA THR C 292 5.53 -18.32 44.60
C THR C 292 6.00 -17.86 45.99
N PRO C 293 7.31 -17.66 46.24
CA PRO C 293 7.75 -17.43 47.63
C PRO C 293 7.14 -16.23 48.32
N ILE C 294 6.94 -15.12 47.62
CA ILE C 294 6.37 -13.94 48.27
C ILE C 294 4.95 -14.21 48.74
N HIS C 295 4.14 -14.84 47.89
CA HIS C 295 2.78 -15.16 48.29
C HIS C 295 2.74 -16.13 49.46
N ILE C 296 3.63 -17.15 49.43
CA ILE C 296 3.65 -18.10 50.54
C ILE C 296 4.07 -17.42 51.83
N TYR C 297 5.05 -16.52 51.77
CA TYR C 297 5.50 -15.82 52.97
C TYR C 297 4.40 -14.91 53.52
N VAL C 298 3.67 -14.22 52.64
CA VAL C 298 2.58 -13.37 53.10
C VAL C 298 1.50 -14.21 53.77
N ILE C 299 1.17 -15.36 53.18
CA ILE C 299 0.15 -16.23 53.78
C ILE C 299 0.61 -16.72 55.15
N ILE C 300 1.88 -17.10 55.27
CA ILE C 300 2.40 -17.55 56.56
C ILE C 300 2.35 -16.43 57.59
N LYS C 301 2.74 -15.22 57.19
CA LYS C 301 2.80 -14.10 58.11
C LYS C 301 1.42 -13.66 58.57
N ALA C 302 0.40 -13.82 57.73
CA ALA C 302 -0.95 -13.41 58.08
C ALA C 302 -1.66 -14.39 58.99
N LEU C 303 -0.96 -15.36 59.59
CA LEU C 303 -1.58 -16.34 60.46
C LEU C 303 -0.84 -16.61 61.76
N ILE C 304 0.41 -16.15 61.91
CA ILE C 304 1.22 -16.42 63.08
C ILE C 304 1.85 -15.13 63.58
N THR C 305 2.26 -15.14 64.85
CA THR C 305 2.88 -13.97 65.44
C THR C 305 4.18 -13.62 64.74
N ILE C 306 5.02 -14.62 64.46
CA ILE C 306 6.31 -14.52 63.78
C ILE C 306 7.13 -13.35 64.30
N PRO C 307 7.71 -13.46 65.50
CA PRO C 307 8.51 -12.35 66.04
C PRO C 307 9.71 -12.03 65.17
N GLU C 308 10.05 -10.74 65.12
CA GLU C 308 11.06 -10.24 64.19
C GLU C 308 12.46 -10.59 64.66
N THR C 309 13.29 -10.99 63.70
CA THR C 309 14.72 -11.22 63.91
C THR C 309 15.46 -10.71 62.68
N THR C 310 16.75 -11.04 62.58
CA THR C 310 17.51 -10.70 61.38
C THR C 310 17.12 -11.61 60.22
N PHE C 311 16.90 -12.90 60.51
CA PHE C 311 16.56 -13.85 59.45
C PHE C 311 15.25 -13.47 58.79
N GLN C 312 14.25 -13.05 59.57
CA GLN C 312 12.97 -12.67 59.00
C GLN C 312 13.11 -11.48 58.06
N THR C 313 13.86 -10.46 58.48
CA THR C 313 14.03 -9.27 57.66
C THR C 313 14.76 -9.62 56.36
N VAL C 314 15.84 -10.39 56.46
CA VAL C 314 16.60 -10.74 55.26
C VAL C 314 15.76 -11.59 54.32
N SER C 315 14.98 -12.53 54.88
CA SER C 315 14.14 -13.37 54.05
C SER C 315 13.08 -12.55 53.33
N TRP C 316 12.45 -11.61 54.03
CA TRP C 316 11.42 -10.78 53.42
C TRP C 316 12.00 -9.93 52.29
N HIS C 317 13.13 -9.28 52.55
CA HIS C 317 13.71 -8.41 51.54
C HIS C 317 14.37 -9.19 50.40
N PHE C 318 14.65 -10.48 50.60
CA PHE C 318 15.07 -11.31 49.48
C PHE C 318 13.88 -11.82 48.68
N CYS C 319 12.76 -12.12 49.34
CA CYS C 319 11.57 -12.57 48.63
C CYS C 319 11.01 -11.47 47.73
N ILE C 320 11.03 -10.22 48.19
CA ILE C 320 10.55 -9.13 47.33
C ILE C 320 11.44 -9.00 46.09
N ALA C 321 12.75 -9.10 46.28
CA ALA C 321 13.67 -9.07 45.15
C ALA C 321 13.41 -10.22 44.18
N LEU C 322 13.14 -11.41 44.72
CA LEU C 322 12.79 -12.55 43.88
C LEU C 322 11.54 -12.25 43.07
N GLY C 323 10.56 -11.58 43.70
CA GLY C 323 9.36 -11.19 42.97
C GLY C 323 9.66 -10.27 41.80
N TYR C 324 10.55 -9.30 42.01
CA TYR C 324 10.91 -8.38 40.94
C TYR C 324 11.84 -8.99 39.90
N THR C 325 12.51 -10.10 40.24
CA THR C 325 13.41 -10.75 39.30
C THR C 325 12.68 -11.25 38.06
N ASN C 326 11.39 -11.59 38.19
CA ASN C 326 10.62 -11.99 37.03
C ASN C 326 10.48 -10.84 36.03
N SER C 327 10.19 -9.64 36.53
CA SER C 327 10.14 -8.47 35.66
C SER C 327 11.52 -8.16 35.08
N CYS C 328 12.58 -8.46 35.83
CA CYS C 328 13.92 -8.27 35.30
C CYS C 328 14.18 -9.21 34.11
N LEU C 329 13.88 -10.49 34.26
CA LEU C 329 14.21 -11.50 33.26
C LEU C 329 13.16 -11.67 32.17
N ASN C 330 12.03 -10.98 32.24
CA ASN C 330 11.04 -11.08 31.16
C ASN C 330 11.60 -10.74 29.78
N PRO C 331 12.34 -9.64 29.58
CA PRO C 331 12.84 -9.36 28.23
C PRO C 331 13.75 -10.43 27.67
N VAL C 332 14.63 -11.00 28.49
CA VAL C 332 15.55 -12.02 28.00
C VAL C 332 14.77 -13.25 27.53
N LEU C 333 13.68 -13.58 28.21
CA LEU C 333 12.88 -14.73 27.83
C LEU C 333 12.03 -14.46 26.60
N TYR C 334 11.51 -13.24 26.46
CA TYR C 334 10.46 -13.00 25.48
C TYR C 334 10.92 -12.31 24.20
N ALA C 335 11.99 -11.52 24.23
CA ALA C 335 12.43 -10.77 23.06
C ALA C 335 13.77 -11.24 22.53
N PHE C 336 14.77 -11.42 23.40
CA PHE C 336 16.08 -11.85 22.92
C PHE C 336 16.04 -13.28 22.39
N LEU C 337 15.23 -14.14 23.02
CA LEU C 337 15.05 -15.49 22.51
C LEU C 337 14.04 -15.55 21.37
N ASP C 338 13.37 -14.45 21.06
CA ASP C 338 12.48 -14.40 19.92
C ASP C 338 13.26 -14.56 18.64
N GLU C 339 12.85 -15.48 17.78
CA GLU C 339 13.59 -15.74 16.55
C GLU C 339 13.57 -14.55 15.61
N ASN C 340 12.54 -13.71 15.69
CA ASN C 340 12.53 -12.49 14.88
C ASN C 340 13.65 -11.56 15.29
N PHE C 341 13.88 -11.42 16.61
CA PHE C 341 15.00 -10.61 17.08
C PHE C 341 16.33 -11.21 16.64
N LYS C 342 16.48 -12.53 16.74
CA LYS C 342 17.72 -13.17 16.32
C LYS C 342 17.95 -13.02 14.82
N ARG C 343 16.88 -12.94 14.04
CA ARG C 343 17.01 -12.66 12.62
C ARG C 343 17.18 -11.17 12.32
N CYS C 344 16.91 -10.30 13.29
CA CYS C 344 17.12 -8.87 13.13
C CYS C 344 18.44 -8.39 13.72
N PHE C 345 19.09 -9.19 14.57
CA PHE C 345 20.37 -8.85 15.17
C PHE C 345 21.46 -9.82 14.74
N ARG C 346 21.33 -10.41 13.56
CA ARG C 346 22.31 -11.36 13.06
C ARG C 346 23.49 -10.63 12.41
N LEU D 5 -4.82 28.70 7.58
CA LEU D 5 -4.32 27.54 6.86
C LEU D 5 -5.37 26.43 6.80
N SER D 6 -5.34 25.64 5.73
CA SER D 6 -6.28 24.54 5.55
C SER D 6 -7.72 25.05 5.50
N ALA D 7 -8.02 25.83 4.45
CA ALA D 7 -9.32 26.47 4.34
C ALA D 7 -10.41 25.50 3.88
N GLU D 8 -10.27 24.97 2.66
CA GLU D 8 -11.07 23.84 2.20
C GLU D 8 -10.17 22.65 1.87
N ASP D 9 -8.94 22.67 2.39
CA ASP D 9 -8.07 21.51 2.37
C ASP D 9 -8.48 20.50 3.43
N LYS D 10 -9.24 20.91 4.43
CA LYS D 10 -9.72 19.99 5.44
C LYS D 10 -10.69 18.98 4.86
N ALA D 11 -11.52 19.40 3.89
CA ALA D 11 -12.39 18.45 3.21
C ALA D 11 -11.57 17.42 2.43
N ALA D 12 -10.49 17.86 1.80
CA ALA D 12 -9.61 16.94 1.08
C ALA D 12 -8.95 15.95 2.04
N VAL D 13 -8.52 16.42 3.21
CA VAL D 13 -7.92 15.53 4.20
C VAL D 13 -8.93 14.51 4.69
N GLU D 14 -10.17 14.96 4.94
CA GLU D 14 -11.21 14.04 5.37
C GLU D 14 -11.51 12.98 4.32
N ARG D 15 -11.53 13.39 3.04
CA ARG D 15 -11.74 12.43 1.96
C ARG D 15 -10.61 11.41 1.90
N SER D 16 -9.37 11.88 2.08
CA SER D 16 -8.23 10.97 2.09
C SER D 16 -8.36 9.96 3.21
N LYS D 17 -8.76 10.41 4.40
CA LYS D 17 -8.89 9.50 5.53
C LYS D 17 -9.99 8.47 5.29
N MET D 18 -11.11 8.89 4.68
CA MET D 18 -12.18 7.94 4.41
C MET D 18 -11.75 6.86 3.42
N ILE D 19 -11.12 7.27 2.30
CA ILE D 19 -10.70 6.24 1.36
C ILE D 19 -9.56 5.40 1.92
N ASP D 20 -8.79 5.95 2.87
CA ASP D 20 -7.74 5.17 3.51
C ASP D 20 -8.33 4.09 4.41
N ARG D 21 -9.38 4.41 5.16
CA ARG D 21 -10.00 3.36 5.97
C ARG D 21 -10.66 2.31 5.09
N ASN D 22 -11.21 2.72 3.94
CA ASN D 22 -11.76 1.73 3.02
C ASN D 22 -10.66 0.80 2.50
N LEU D 23 -9.49 1.35 2.18
CA LEU D 23 -8.36 0.50 1.78
C LEU D 23 -7.98 -0.47 2.87
N ARG D 24 -7.94 -0.01 4.12
CA ARG D 24 -7.60 -0.89 5.24
C ARG D 24 -8.60 -2.04 5.37
N GLU D 25 -9.90 -1.74 5.26
CA GLU D 25 -10.91 -2.79 5.35
C GLU D 25 -10.76 -3.79 4.22
N ASP D 26 -10.53 -3.32 2.99
CA ASP D 26 -10.37 -4.23 1.87
C ASP D 26 -9.15 -5.12 2.04
N GLY D 27 -8.03 -4.55 2.53
CA GLY D 27 -6.85 -5.37 2.76
C GLY D 27 -7.07 -6.42 3.82
N GLU D 28 -7.74 -6.05 4.91
CA GLU D 28 -8.04 -7.03 5.96
C GLU D 28 -8.93 -8.14 5.43
N LYS D 29 -9.92 -7.79 4.61
CA LYS D 29 -10.80 -8.80 4.03
C LYS D 29 -10.03 -9.73 3.08
N ALA D 30 -9.05 -9.18 2.35
CA ALA D 30 -8.31 -9.99 1.39
C ALA D 30 -7.15 -10.75 2.00
N ALA D 31 -6.81 -10.50 3.25
CA ALA D 31 -5.69 -11.18 3.89
C ALA D 31 -6.08 -12.48 4.57
N ARG D 32 -7.34 -12.91 4.47
CA ARG D 32 -7.80 -14.14 5.11
C ARG D 32 -8.24 -15.18 4.08
N GLU D 33 -7.64 -15.16 2.89
CA GLU D 33 -7.90 -16.14 1.87
C GLU D 33 -6.60 -16.86 1.51
N VAL D 34 -6.73 -18.12 1.12
CA VAL D 34 -5.60 -18.95 0.72
C VAL D 34 -5.55 -18.98 -0.80
N LYS D 35 -4.37 -18.71 -1.35
CA LYS D 35 -4.18 -18.63 -2.80
C LYS D 35 -3.35 -19.82 -3.25
N LEU D 36 -3.83 -20.49 -4.29
CA LEU D 36 -3.22 -21.71 -4.81
C LEU D 36 -2.85 -21.52 -6.27
N LEU D 37 -1.66 -21.95 -6.64
CA LEU D 37 -1.19 -21.90 -8.01
C LEU D 37 -1.25 -23.30 -8.61
N LEU D 38 -1.94 -23.44 -9.74
CA LEU D 38 -2.18 -24.73 -10.36
C LEU D 38 -1.27 -24.88 -11.56
N LEU D 39 -0.21 -25.66 -11.41
CA LEU D 39 0.72 -25.96 -12.49
C LEU D 39 0.43 -27.34 -13.05
N GLY D 40 1.29 -27.81 -13.93
CA GLY D 40 1.14 -29.11 -14.54
C GLY D 40 1.62 -29.07 -15.98
N ALA D 41 1.82 -30.27 -16.53
CA ALA D 41 2.26 -30.40 -17.90
C ALA D 41 1.07 -30.20 -18.84
N GLY D 42 1.26 -30.51 -20.12
CA GLY D 42 0.19 -30.28 -21.08
C GLY D 42 -0.90 -31.33 -21.03
N GLU D 43 -2.06 -30.95 -20.49
CA GLU D 43 -3.24 -31.81 -20.45
C GLU D 43 -2.96 -33.11 -19.71
N SER D 44 -2.51 -32.98 -18.46
CA SER D 44 -2.24 -34.16 -17.63
C SER D 44 -3.45 -34.51 -16.78
N GLY D 45 -3.83 -33.62 -15.87
CA GLY D 45 -5.06 -33.78 -15.13
C GLY D 45 -5.71 -32.47 -14.72
N LYS D 46 -5.17 -31.35 -15.21
CA LYS D 46 -5.52 -30.05 -14.64
C LYS D 46 -6.98 -29.71 -14.87
N SER D 47 -7.60 -30.24 -15.91
CA SER D 47 -9.00 -29.91 -16.19
C SER D 47 -9.94 -30.61 -15.21
N THR D 48 -9.65 -31.86 -14.88
CA THR D 48 -10.55 -32.62 -14.01
C THR D 48 -10.43 -32.21 -12.54
N ILE D 49 -9.26 -31.70 -12.13
CA ILE D 49 -9.11 -31.25 -10.75
C ILE D 49 -10.03 -30.08 -10.46
N VAL D 50 -10.25 -29.20 -11.45
CA VAL D 50 -11.16 -28.08 -11.26
C VAL D 50 -12.58 -28.58 -11.04
N LYS D 51 -12.96 -29.67 -11.71
CA LYS D 51 -14.29 -30.24 -11.48
C LYS D 51 -14.35 -30.99 -10.15
N GLN D 52 -13.24 -31.56 -9.70
CA GLN D 52 -13.22 -32.20 -8.39
C GLN D 52 -13.54 -31.20 -7.29
N MET D 53 -12.98 -30.00 -7.37
CA MET D 53 -13.41 -28.92 -6.49
C MET D 53 -14.84 -28.53 -6.83
N LYS D 54 -15.45 -27.74 -5.93
CA LYS D 54 -16.84 -27.33 -6.15
C LYS D 54 -16.96 -26.45 -7.40
N ILE D 55 -16.02 -25.53 -7.60
CA ILE D 55 -16.04 -24.64 -8.75
C ILE D 55 -17.29 -23.76 -8.71
N THR D 182 -8.71 -15.64 -20.75
CA THR D 182 -7.68 -15.16 -21.67
C THR D 182 -6.29 -15.45 -21.11
N GLY D 183 -5.77 -14.53 -20.30
CA GLY D 183 -4.45 -14.70 -19.74
C GLY D 183 -4.38 -15.76 -18.67
N ILE D 184 -5.07 -15.54 -17.56
CA ILE D 184 -5.17 -16.55 -16.51
C ILE D 184 -6.63 -16.65 -16.09
N VAL D 185 -6.96 -17.78 -15.46
CA VAL D 185 -8.32 -18.10 -15.05
C VAL D 185 -8.32 -18.33 -13.55
N GLU D 186 -9.15 -17.57 -12.84
CA GLU D 186 -9.27 -17.68 -11.39
C GLU D 186 -10.54 -18.44 -11.04
N THR D 187 -10.47 -19.26 -9.99
CA THR D 187 -11.58 -20.07 -9.52
C THR D 187 -11.75 -19.87 -8.03
N HIS D 188 -12.99 -19.85 -7.57
CA HIS D 188 -13.31 -19.68 -6.16
C HIS D 188 -14.11 -20.89 -5.67
N PHE D 189 -14.00 -21.17 -4.37
CA PHE D 189 -14.83 -22.17 -3.72
C PHE D 189 -14.59 -22.08 -2.22
N THR D 190 -15.46 -22.75 -1.47
CA THR D 190 -15.40 -22.74 -0.01
C THR D 190 -15.52 -24.16 0.50
N PHE D 191 -14.82 -24.44 1.60
CA PHE D 191 -14.85 -25.77 2.21
C PHE D 191 -14.53 -25.60 3.69
N LYS D 192 -15.55 -25.75 4.53
CA LYS D 192 -15.39 -25.68 5.99
C LYS D 192 -14.89 -24.31 6.43
N ASP D 193 -15.62 -23.26 6.00
CA ASP D 193 -15.37 -21.89 6.43
C ASP D 193 -14.00 -21.38 5.98
N LEU D 194 -13.48 -21.91 4.88
CA LEU D 194 -12.22 -21.45 4.30
C LEU D 194 -12.44 -21.10 2.84
N HIS D 195 -11.96 -19.93 2.43
CA HIS D 195 -12.12 -19.46 1.06
C HIS D 195 -10.84 -19.69 0.27
N PHE D 196 -10.96 -20.40 -0.85
CA PHE D 196 -9.83 -20.76 -1.69
C PHE D 196 -9.81 -19.94 -2.97
N LYS D 197 -8.70 -20.05 -3.69
CA LYS D 197 -8.53 -19.33 -4.95
C LYS D 197 -7.45 -20.05 -5.76
N MET D 198 -7.84 -20.66 -6.89
CA MET D 198 -6.89 -21.31 -7.77
C MET D 198 -6.66 -20.44 -9.01
N PHE D 199 -5.40 -20.19 -9.32
CA PHE D 199 -5.00 -19.45 -10.51
C PHE D 199 -4.37 -20.43 -11.49
N ASP D 200 -4.95 -20.52 -12.68
CA ASP D 200 -4.43 -21.39 -13.74
C ASP D 200 -3.75 -20.52 -14.79
N VAL D 201 -2.45 -20.71 -14.96
CA VAL D 201 -1.64 -19.86 -15.84
C VAL D 201 -1.14 -20.68 -17.02
N GLY D 202 -1.87 -21.73 -17.38
CA GLY D 202 -1.48 -22.56 -18.50
C GLY D 202 -1.88 -22.04 -19.85
N GLY D 203 -2.70 -20.99 -19.90
CA GLY D 203 -3.14 -20.44 -21.16
C GLY D 203 -2.32 -19.24 -21.59
N GLN D 204 -1.14 -19.08 -21.01
CA GLN D 204 -0.23 -17.97 -21.33
C GLN D 204 1.13 -18.55 -21.68
N ARG D 205 1.38 -18.70 -22.98
CA ARG D 205 2.68 -19.15 -23.46
C ARG D 205 3.56 -17.94 -23.77
N SER D 206 4.65 -17.82 -23.01
CA SER D 206 5.64 -16.75 -23.14
C SER D 206 6.75 -17.05 -22.15
N GLU D 207 7.75 -16.17 -22.05
CA GLU D 207 8.86 -16.43 -21.13
C GLU D 207 8.38 -16.49 -19.69
N ARG D 208 8.42 -17.67 -19.09
CA ARG D 208 7.89 -17.85 -17.75
C ARG D 208 8.70 -17.13 -16.69
N LYS D 209 9.99 -16.91 -16.92
CA LYS D 209 10.82 -16.25 -15.92
C LYS D 209 10.57 -14.74 -15.86
N LYS D 210 9.79 -14.20 -16.79
CA LYS D 210 9.47 -12.78 -16.81
C LYS D 210 8.23 -12.44 -16.01
N TRP D 211 7.44 -13.44 -15.62
CA TRP D 211 6.26 -13.19 -14.79
C TRP D 211 6.06 -14.20 -13.68
N ILE D 212 6.99 -15.15 -13.49
CA ILE D 212 6.78 -16.15 -12.45
C ILE D 212 6.98 -15.58 -11.06
N HIS D 213 7.60 -14.41 -10.92
CA HIS D 213 7.80 -13.83 -9.60
C HIS D 213 6.56 -13.12 -9.07
N CYS D 214 5.52 -12.98 -9.89
CA CYS D 214 4.27 -12.39 -9.43
C CYS D 214 3.59 -13.28 -8.40
N PHE D 215 3.79 -14.59 -8.49
CA PHE D 215 3.13 -15.56 -7.63
C PHE D 215 3.94 -15.90 -6.39
N GLU D 216 5.06 -15.23 -6.15
CA GLU D 216 5.74 -15.37 -4.88
C GLU D 216 4.81 -15.00 -3.74
N GLY D 217 4.85 -15.79 -2.68
CA GLY D 217 3.93 -15.60 -1.58
C GLY D 217 2.64 -16.38 -1.70
N VAL D 218 2.45 -17.13 -2.78
CA VAL D 218 1.29 -18.00 -2.88
C VAL D 218 1.37 -19.05 -1.77
N THR D 219 0.21 -19.46 -1.25
CA THR D 219 0.19 -20.34 -0.09
C THR D 219 0.76 -21.72 -0.41
N ALA D 220 0.34 -22.31 -1.53
CA ALA D 220 0.81 -23.62 -1.91
C ALA D 220 0.74 -23.75 -3.42
N ILE D 221 1.31 -24.84 -3.93
CA ILE D 221 1.32 -25.15 -5.35
C ILE D 221 0.70 -26.52 -5.55
N ILE D 222 -0.14 -26.65 -6.57
CA ILE D 222 -0.77 -27.92 -6.92
C ILE D 222 -0.22 -28.35 -8.27
N PHE D 223 0.45 -29.49 -8.29
CA PHE D 223 1.10 -30.02 -9.48
C PHE D 223 0.37 -31.28 -9.92
N CYS D 224 -0.14 -31.28 -11.15
CA CYS D 224 -0.92 -32.39 -11.68
C CYS D 224 -0.06 -33.19 -12.65
N VAL D 225 0.02 -34.50 -12.42
CA VAL D 225 0.80 -35.40 -13.24
C VAL D 225 -0.09 -36.55 -13.70
N ALA D 226 -0.04 -36.86 -14.99
CA ALA D 226 -0.81 -37.97 -15.54
C ALA D 226 -0.02 -39.25 -15.37
N LEU D 227 -0.54 -40.16 -14.54
CA LEU D 227 0.20 -41.36 -14.19
C LEU D 227 0.23 -42.38 -15.32
N SER D 228 -0.66 -42.25 -16.31
CA SER D 228 -0.75 -43.19 -17.42
C SER D 228 0.08 -42.77 -18.62
N ASP D 229 0.84 -41.68 -18.53
CA ASP D 229 1.62 -41.17 -19.65
C ASP D 229 3.09 -41.58 -19.58
N TYR D 230 3.36 -42.77 -19.06
CA TYR D 230 4.72 -43.30 -19.02
C TYR D 230 5.10 -44.02 -20.31
N ASP D 231 4.18 -44.11 -21.26
CA ASP D 231 4.42 -44.76 -22.54
C ASP D 231 4.44 -43.79 -23.71
N LEU D 232 3.47 -42.89 -23.78
CA LEU D 232 3.33 -42.00 -24.92
C LEU D 232 4.52 -41.04 -24.99
N VAL D 233 4.72 -40.49 -26.19
CA VAL D 233 5.82 -39.55 -26.43
C VAL D 233 5.32 -38.34 -27.20
N ASN D 241 8.72 -40.65 -22.35
CA ASN D 241 9.14 -39.33 -22.80
C ASN D 241 8.31 -38.23 -22.15
N ARG D 242 6.99 -38.40 -22.16
CA ARG D 242 6.11 -37.42 -21.54
C ARG D 242 6.37 -37.34 -20.03
N MET D 243 6.56 -38.50 -19.39
CA MET D 243 6.88 -38.49 -17.97
C MET D 243 8.19 -37.79 -17.68
N HIS D 244 9.16 -37.88 -18.60
CA HIS D 244 10.41 -37.17 -18.41
C HIS D 244 10.22 -35.67 -18.53
N GLU D 245 9.33 -35.22 -19.43
CA GLU D 245 9.00 -33.80 -19.49
C GLU D 245 8.34 -33.33 -18.21
N SER D 246 7.43 -34.15 -17.66
CA SER D 246 6.81 -33.80 -16.39
C SER D 246 7.85 -33.72 -15.28
N MET D 247 8.81 -34.64 -15.27
CA MET D 247 9.88 -34.59 -14.27
C MET D 247 10.72 -33.34 -14.43
N LYS D 248 11.04 -32.96 -15.67
CA LYS D 248 11.83 -31.75 -15.88
C LYS D 248 11.09 -30.51 -15.39
N LEU D 249 9.80 -30.43 -15.69
CA LEU D 249 9.01 -29.28 -15.22
C LEU D 249 8.93 -29.25 -13.70
N PHE D 250 8.71 -30.41 -13.07
CA PHE D 250 8.65 -30.46 -11.61
C PHE D 250 9.97 -30.06 -10.99
N ASP D 251 11.08 -30.51 -11.56
CA ASP D 251 12.39 -30.16 -11.02
C ASP D 251 12.64 -28.68 -11.17
N SER D 252 12.26 -28.10 -12.31
CA SER D 252 12.47 -26.66 -12.52
C SER D 252 11.64 -25.83 -11.56
N ILE D 253 10.40 -26.25 -11.28
CA ILE D 253 9.54 -25.44 -10.42
C ILE D 253 9.86 -25.65 -8.94
N CYS D 254 10.23 -26.86 -8.54
CA CYS D 254 10.52 -27.14 -7.14
C CYS D 254 11.72 -26.35 -6.65
N ASN D 255 12.76 -26.24 -7.47
CA ASN D 255 14.04 -25.65 -7.07
C ASN D 255 14.21 -24.25 -7.62
N ASN D 256 13.13 -23.47 -7.66
CA ASN D 256 13.16 -22.13 -8.19
C ASN D 256 13.60 -21.13 -7.12
N LYS D 257 14.07 -19.97 -7.56
CA LYS D 257 14.59 -18.97 -6.63
C LYS D 257 13.50 -18.33 -5.78
N TRP D 258 12.25 -18.37 -6.22
CA TRP D 258 11.15 -17.75 -5.50
C TRP D 258 10.33 -18.74 -4.67
N PHE D 259 10.25 -19.98 -5.11
CA PHE D 259 9.47 -21.02 -4.44
C PHE D 259 10.35 -21.92 -3.58
N THR D 260 11.39 -21.36 -2.97
CA THR D 260 12.29 -22.13 -2.13
C THR D 260 11.65 -22.55 -0.81
N ASP D 261 10.49 -22.00 -0.47
CA ASP D 261 9.82 -22.29 0.79
C ASP D 261 8.46 -22.92 0.64
N THR D 262 7.71 -22.61 -0.42
CA THR D 262 6.34 -23.09 -0.55
C THR D 262 6.29 -24.60 -0.68
N SER D 263 5.27 -25.20 -0.09
CA SER D 263 5.07 -26.64 -0.18
C SER D 263 4.26 -26.99 -1.42
N ILE D 264 4.27 -28.26 -1.77
CA ILE D 264 3.67 -28.75 -3.01
C ILE D 264 2.66 -29.83 -2.70
N ILE D 265 1.54 -29.80 -3.40
CA ILE D 265 0.47 -30.78 -3.26
C ILE D 265 0.30 -31.41 -4.63
N LEU D 266 0.98 -32.53 -4.89
CA LEU D 266 1.04 -33.09 -6.22
C LEU D 266 0.12 -34.31 -6.32
N PHE D 267 -0.79 -34.27 -7.29
CA PHE D 267 -1.70 -35.37 -7.56
C PHE D 267 -1.15 -36.25 -8.67
N LEU D 268 -1.45 -37.54 -8.60
CA LEU D 268 -1.12 -38.49 -9.66
C LEU D 268 -2.44 -38.99 -10.26
N ASN D 269 -2.83 -38.42 -11.38
CA ASN D 269 -4.14 -38.69 -11.95
C ASN D 269 -4.12 -39.99 -12.77
N LYS D 270 -5.32 -40.46 -13.08
CA LYS D 270 -5.54 -41.56 -14.01
C LYS D 270 -4.85 -42.84 -13.54
N LYS D 271 -5.29 -43.36 -12.40
CA LYS D 271 -4.75 -44.61 -11.89
C LYS D 271 -5.47 -45.84 -12.41
N ASP D 272 -6.69 -45.69 -12.93
CA ASP D 272 -7.38 -46.83 -13.52
C ASP D 272 -6.77 -47.20 -14.87
N LEU D 273 -6.46 -46.20 -15.69
CA LEU D 273 -5.74 -46.47 -16.93
C LEU D 273 -4.37 -47.05 -16.66
N PHE D 274 -3.73 -46.61 -15.57
CA PHE D 274 -2.46 -47.22 -15.17
C PHE D 274 -2.66 -48.68 -14.77
N GLU D 275 -3.74 -48.97 -14.05
CA GLU D 275 -4.11 -50.36 -13.76
C GLU D 275 -4.19 -51.18 -15.04
N GLU D 276 -4.90 -50.67 -16.03
CA GLU D 276 -5.07 -51.39 -17.29
C GLU D 276 -3.74 -51.59 -18.01
N LYS D 277 -2.96 -50.52 -18.14
CA LYS D 277 -1.78 -50.54 -19.00
C LYS D 277 -0.56 -51.17 -18.34
N ILE D 278 -0.56 -51.33 -17.01
CA ILE D 278 0.64 -51.81 -16.34
C ILE D 278 0.92 -53.27 -16.70
N LYS D 279 -0.12 -54.08 -16.85
CA LYS D 279 0.08 -55.49 -17.16
C LYS D 279 0.49 -55.71 -18.61
N LYS D 280 -0.10 -54.95 -19.54
CA LYS D 280 0.19 -55.15 -20.96
C LYS D 280 1.64 -54.82 -21.27
N SER D 281 2.15 -53.71 -20.75
CA SER D 281 3.52 -53.29 -21.00
C SER D 281 4.21 -52.98 -19.69
N PRO D 282 5.52 -53.24 -19.60
CA PRO D 282 6.23 -53.04 -18.33
C PRO D 282 6.58 -51.58 -18.12
N LEU D 283 7.08 -51.30 -16.91
CA LEU D 283 7.51 -49.96 -16.53
C LEU D 283 8.96 -49.68 -16.91
N THR D 284 9.67 -50.66 -17.45
CA THR D 284 11.05 -50.44 -17.87
C THR D 284 11.15 -49.60 -19.14
N ILE D 285 10.02 -49.32 -19.80
CA ILE D 285 10.05 -48.46 -20.98
C ILE D 285 10.54 -47.06 -20.61
N CYS D 286 10.04 -46.51 -19.50
CA CYS D 286 10.44 -45.19 -19.06
C CYS D 286 11.63 -45.22 -18.10
N TYR D 287 11.63 -46.17 -17.16
CA TYR D 287 12.78 -46.34 -16.27
C TYR D 287 13.54 -47.61 -16.67
N PRO D 288 14.69 -47.50 -17.33
CA PRO D 288 15.44 -48.71 -17.68
C PRO D 288 16.00 -49.46 -16.48
N GLU D 289 16.14 -48.80 -15.33
CA GLU D 289 16.78 -49.40 -14.17
C GLU D 289 15.80 -49.95 -13.14
N TYR D 290 14.51 -50.03 -13.49
CA TYR D 290 13.53 -50.57 -12.56
C TYR D 290 13.73 -52.06 -12.40
N ALA D 291 13.77 -52.52 -11.15
CA ALA D 291 13.99 -53.93 -10.81
C ALA D 291 12.88 -54.36 -9.86
N GLY D 292 11.76 -54.81 -10.42
CA GLY D 292 10.64 -55.25 -9.62
C GLY D 292 9.55 -55.80 -10.50
N SER D 293 8.49 -56.29 -9.85
CA SER D 293 7.38 -56.86 -10.58
C SER D 293 6.57 -55.77 -11.26
N ASN D 294 5.86 -56.16 -12.32
CA ASN D 294 5.02 -55.23 -13.07
C ASN D 294 3.59 -55.22 -12.53
N THR D 295 3.49 -54.87 -11.24
CA THR D 295 2.22 -54.72 -10.57
C THR D 295 2.06 -53.27 -10.11
N TYR D 296 0.80 -52.84 -9.98
CA TYR D 296 0.53 -51.44 -9.67
C TYR D 296 1.07 -51.05 -8.30
N GLU D 297 0.92 -51.93 -7.31
CA GLU D 297 1.16 -51.56 -5.91
C GLU D 297 2.59 -51.12 -5.65
N GLU D 298 3.55 -51.57 -6.45
CA GLU D 298 4.93 -51.12 -6.29
C GLU D 298 5.41 -50.22 -7.40
N ALA D 299 4.86 -50.33 -8.61
CA ALA D 299 5.19 -49.37 -9.66
C ALA D 299 4.76 -47.97 -9.28
N ALA D 300 3.56 -47.83 -8.70
CA ALA D 300 3.10 -46.52 -8.25
C ALA D 300 4.02 -45.95 -7.17
N ALA D 301 4.45 -46.80 -6.23
CA ALA D 301 5.36 -46.34 -5.19
C ALA D 301 6.70 -45.93 -5.79
N TYR D 302 7.18 -46.66 -6.79
CA TYR D 302 8.43 -46.29 -7.45
C TYR D 302 8.32 -44.92 -8.11
N ILE D 303 7.23 -44.68 -8.84
CA ILE D 303 7.04 -43.39 -9.50
C ILE D 303 6.94 -42.27 -8.46
N GLN D 304 6.20 -42.53 -7.37
CA GLN D 304 6.06 -41.52 -6.33
C GLN D 304 7.41 -41.19 -5.72
N CYS D 305 8.25 -42.20 -5.48
CA CYS D 305 9.57 -41.93 -4.91
C CYS D 305 10.45 -41.16 -5.88
N GLN D 306 10.36 -41.49 -7.18
CA GLN D 306 11.12 -40.75 -8.18
C GLN D 306 10.75 -39.28 -8.19
N PHE D 307 9.46 -38.97 -8.00
CA PHE D 307 9.07 -37.57 -7.91
C PHE D 307 9.47 -36.96 -6.58
N GLU D 308 9.35 -37.72 -5.48
CA GLU D 308 9.62 -37.18 -4.15
C GLU D 308 11.07 -36.78 -3.99
N ASP D 309 12.00 -37.56 -4.55
CA ASP D 309 13.42 -37.35 -4.29
C ASP D 309 14.07 -36.37 -5.27
N LEU D 310 13.28 -35.42 -5.80
CA LEU D 310 13.80 -34.40 -6.71
C LEU D 310 14.02 -33.05 -6.03
N ASN D 311 13.62 -32.89 -4.78
CA ASN D 311 13.76 -31.61 -4.09
C ASN D 311 15.02 -31.63 -3.23
N LYS D 312 15.76 -30.53 -3.28
CA LYS D 312 17.06 -30.43 -2.61
C LYS D 312 16.97 -29.85 -1.20
N ARG D 313 15.78 -29.54 -0.71
CA ARG D 313 15.59 -29.01 0.65
C ARG D 313 14.51 -29.85 1.31
N LYS D 314 14.90 -30.96 1.93
CA LYS D 314 13.97 -31.85 2.59
C LYS D 314 13.68 -31.44 4.03
N ASP D 315 14.36 -30.41 4.54
CA ASP D 315 14.14 -29.92 5.89
C ASP D 315 13.43 -28.57 5.90
N THR D 316 13.02 -28.07 4.74
CA THR D 316 12.42 -26.74 4.66
C THR D 316 11.05 -26.76 3.99
N LYS D 317 10.88 -27.63 3.00
CA LYS D 317 9.62 -27.71 2.26
C LYS D 317 9.13 -29.14 2.24
N GLU D 318 7.81 -29.29 2.25
CA GLU D 318 7.15 -30.59 2.30
C GLU D 318 6.42 -30.84 0.99
N ILE D 319 6.26 -32.13 0.66
CA ILE D 319 5.55 -32.55 -0.54
C ILE D 319 4.47 -33.53 -0.13
N TYR D 320 3.24 -33.26 -0.54
CA TYR D 320 2.08 -34.08 -0.20
C TYR D 320 1.60 -34.77 -1.47
N THR D 321 1.50 -36.10 -1.43
CA THR D 321 1.14 -36.89 -2.59
C THR D 321 -0.23 -37.56 -2.36
N HIS D 322 -0.97 -37.72 -3.45
CA HIS D 322 -2.30 -38.32 -3.39
C HIS D 322 -2.62 -38.96 -4.73
N PHE D 323 -2.91 -40.26 -4.71
CA PHE D 323 -3.26 -40.99 -5.93
C PHE D 323 -4.74 -40.81 -6.19
N THR D 324 -5.08 -39.68 -6.79
CA THR D 324 -6.48 -39.36 -7.05
C THR D 324 -6.97 -40.09 -8.30
N CYS D 325 -8.25 -39.89 -8.61
CA CYS D 325 -8.88 -40.50 -9.77
C CYS D 325 -9.97 -39.56 -10.25
N ALA D 326 -10.87 -40.06 -11.10
CA ALA D 326 -11.94 -39.25 -11.66
C ALA D 326 -13.23 -39.32 -10.85
N THR D 327 -13.24 -39.99 -9.70
CA THR D 327 -14.44 -40.13 -8.89
C THR D 327 -14.04 -40.16 -7.42
N ASP D 328 -15.05 -40.25 -6.55
CA ASP D 328 -14.85 -40.28 -5.11
C ASP D 328 -14.14 -39.02 -4.63
N THR D 329 -14.85 -37.90 -4.78
CA THR D 329 -14.26 -36.58 -4.60
C THR D 329 -13.98 -36.33 -3.12
N LYS D 330 -12.84 -36.85 -2.67
CA LYS D 330 -12.29 -36.53 -1.36
C LYS D 330 -10.93 -35.87 -1.48
N ASN D 331 -10.64 -35.25 -2.62
CA ASN D 331 -9.37 -34.57 -2.82
C ASN D 331 -9.34 -33.23 -2.10
N VAL D 332 -10.49 -32.56 -2.03
CA VAL D 332 -10.53 -31.25 -1.38
C VAL D 332 -10.23 -31.38 0.10
N GLN D 333 -10.55 -32.51 0.72
CA GLN D 333 -10.15 -32.73 2.11
C GLN D 333 -8.64 -32.82 2.24
N PHE D 334 -7.98 -33.49 1.30
CA PHE D 334 -6.51 -33.57 1.32
C PHE D 334 -5.91 -32.17 1.17
N VAL D 335 -6.45 -31.37 0.26
CA VAL D 335 -5.97 -30.00 0.10
C VAL D 335 -6.20 -29.20 1.37
N PHE D 336 -7.35 -29.41 2.03
CA PHE D 336 -7.65 -28.70 3.27
C PHE D 336 -6.64 -29.04 4.36
N ASP D 337 -6.30 -30.33 4.50
CA ASP D 337 -5.33 -30.72 5.51
C ASP D 337 -3.95 -30.14 5.23
N ALA D 338 -3.50 -30.18 3.97
CA ALA D 338 -2.20 -29.61 3.64
C ALA D 338 -2.17 -28.11 3.91
N VAL D 339 -3.24 -27.41 3.54
CA VAL D 339 -3.30 -25.97 3.78
C VAL D 339 -3.34 -25.66 5.27
N THR D 340 -4.01 -26.49 6.06
CA THR D 340 -4.03 -26.28 7.51
C THR D 340 -2.65 -26.43 8.11
N ASP D 341 -1.89 -27.43 7.68
CA ASP D 341 -0.51 -27.56 8.15
C ASP D 341 0.33 -26.34 7.77
N VAL D 342 0.17 -25.86 6.53
CA VAL D 342 0.89 -24.67 6.10
C VAL D 342 0.53 -23.47 6.96
N ILE D 343 -0.76 -23.32 7.28
CA ILE D 343 -1.21 -22.20 8.09
C ILE D 343 -0.62 -22.27 9.50
N ILE D 344 -0.59 -23.46 10.08
CA ILE D 344 -0.01 -23.62 11.42
C ILE D 344 1.46 -23.25 11.41
N LYS D 345 2.20 -23.68 10.38
CA LYS D 345 3.61 -23.34 10.29
C LYS D 345 3.82 -21.83 10.14
N ASN D 346 2.99 -21.18 9.33
CA ASN D 346 3.10 -19.73 9.17
C ASN D 346 2.82 -19.01 10.48
N ASN D 347 1.80 -19.47 11.23
CA ASN D 347 1.49 -18.87 12.51
C ASN D 347 2.64 -19.04 13.49
N LEU D 348 3.26 -20.22 13.50
CA LEU D 348 4.42 -20.44 14.37
C LEU D 348 5.56 -19.49 14.02
N LYS D 349 5.81 -19.30 12.72
CA LYS D 349 6.86 -18.37 12.32
C LYS D 349 6.52 -16.94 12.75
N ASP D 350 5.26 -16.54 12.62
CA ASP D 350 4.86 -15.18 12.98
C ASP D 350 4.98 -14.95 14.49
N CYS D 351 4.62 -15.95 15.30
CA CYS D 351 4.62 -15.80 16.74
C CYS D 351 6.03 -15.74 17.34
N GLY D 352 7.07 -16.00 16.55
CA GLY D 352 8.43 -16.00 17.04
C GLY D 352 8.94 -17.33 17.55
N LEU D 353 8.09 -18.36 17.59
CA LEU D 353 8.50 -19.68 18.05
C LEU D 353 9.27 -20.46 16.99
N PHE D 354 9.38 -19.94 15.78
CA PHE D 354 9.99 -20.68 14.68
C PHE D 354 10.86 -19.77 13.83
N VAL E 2 -28.65 13.55 -13.47
CA VAL E 2 -28.52 14.12 -12.13
C VAL E 2 -29.79 14.89 -11.79
N GLN E 3 -30.36 14.61 -10.63
CA GLN E 3 -31.55 15.32 -10.18
C GLN E 3 -31.56 15.42 -8.67
N LEU E 4 -32.00 16.57 -8.17
CA LEU E 4 -32.26 16.80 -6.76
C LEU E 4 -33.65 17.39 -6.65
N VAL E 5 -34.52 16.77 -5.85
CA VAL E 5 -35.92 17.18 -5.71
C VAL E 5 -36.23 17.40 -4.25
N GLU E 6 -36.79 18.56 -3.92
CA GLU E 6 -37.13 18.91 -2.55
C GLU E 6 -38.63 18.79 -2.34
N SER E 7 -39.01 18.42 -1.12
CA SER E 7 -40.42 18.35 -0.75
C SER E 7 -40.54 18.54 0.76
N GLY E 8 -41.68 19.07 1.18
CA GLY E 8 -41.93 19.28 2.59
C GLY E 8 -42.28 20.70 2.97
N GLY E 9 -42.67 21.52 1.99
CA GLY E 9 -43.04 22.89 2.25
C GLY E 9 -44.52 23.04 2.55
N GLY E 10 -44.94 24.29 2.69
CA GLY E 10 -46.32 24.62 2.95
C GLY E 10 -46.47 25.60 4.10
N LEU E 11 -47.71 26.06 4.28
CA LEU E 11 -48.00 27.04 5.31
C LEU E 11 -47.85 26.43 6.70
N VAL E 12 -47.24 27.19 7.61
CA VAL E 12 -46.98 26.75 8.96
C VAL E 12 -47.32 27.89 9.92
N GLN E 13 -47.62 27.54 11.17
CA GLN E 13 -47.85 28.53 12.21
C GLN E 13 -46.55 28.83 12.95
N PRO E 14 -46.38 30.05 13.45
CA PRO E 14 -45.17 30.38 14.20
C PRO E 14 -45.05 29.53 15.46
N GLY E 15 -43.82 29.12 15.77
CA GLY E 15 -43.56 28.24 16.89
C GLY E 15 -43.70 26.77 16.58
N GLY E 16 -44.15 26.41 15.39
CA GLY E 16 -44.36 25.02 15.02
C GLY E 16 -43.09 24.29 14.64
N SER E 17 -43.24 23.28 13.79
CA SER E 17 -42.12 22.48 13.32
C SER E 17 -42.42 21.96 11.94
N ARG E 18 -41.37 21.59 11.21
CA ARG E 18 -41.49 21.09 9.85
C ARG E 18 -40.23 20.30 9.52
N LYS E 19 -40.29 19.59 8.40
CA LYS E 19 -39.16 18.77 7.97
C LYS E 19 -39.16 18.68 6.45
N LEU E 20 -38.04 19.07 5.84
CA LEU E 20 -37.87 19.04 4.40
C LEU E 20 -37.02 17.84 3.99
N SER E 21 -37.16 17.44 2.73
CA SER E 21 -36.42 16.31 2.19
C SER E 21 -35.89 16.66 0.80
N CYS E 22 -34.79 16.00 0.44
CA CYS E 22 -34.12 16.21 -0.84
C CYS E 22 -33.68 14.85 -1.36
N SER E 23 -34.38 14.35 -2.38
CA SER E 23 -34.17 12.99 -2.89
C SER E 23 -33.28 13.05 -4.12
N ALA E 24 -32.06 12.55 -3.99
CA ALA E 24 -31.06 12.60 -5.04
C ALA E 24 -31.03 11.30 -5.82
N SER E 25 -30.94 11.41 -7.15
CA SER E 25 -30.99 10.23 -8.01
C SER E 25 -30.28 10.54 -9.31
N GLY E 26 -29.11 9.94 -9.53
CA GLY E 26 -28.40 10.12 -10.78
C GLY E 26 -26.90 10.27 -10.61
N PHE E 27 -26.42 10.28 -9.38
CA PHE E 27 -25.00 10.43 -9.10
C PHE E 27 -24.66 9.65 -7.84
N ALA E 28 -23.36 9.54 -7.57
CA ALA E 28 -22.88 8.84 -6.38
C ALA E 28 -23.14 9.70 -5.13
N PHE E 29 -24.29 9.52 -4.50
CA PHE E 29 -24.72 10.42 -3.45
C PHE E 29 -23.77 10.43 -2.26
N SER E 30 -23.24 9.26 -1.89
CA SER E 30 -22.47 9.16 -0.67
C SER E 30 -21.10 9.80 -0.76
N SER E 31 -20.67 10.23 -1.94
CA SER E 31 -19.37 10.87 -2.11
C SER E 31 -19.41 12.39 -2.04
N PHE E 32 -20.60 12.99 -1.97
CA PHE E 32 -20.75 14.43 -2.04
C PHE E 32 -21.21 14.99 -0.70
N GLY E 33 -20.63 16.11 -0.29
CA GLY E 33 -21.20 16.89 0.79
C GLY E 33 -22.34 17.75 0.28
N MET E 34 -23.28 18.06 1.17
CA MET E 34 -24.51 18.72 0.76
C MET E 34 -24.79 19.93 1.64
N HIS E 35 -25.35 20.98 1.03
CA HIS E 35 -25.66 22.23 1.69
C HIS E 35 -27.14 22.54 1.58
N TRP E 36 -27.62 23.39 2.48
CA TRP E 36 -28.95 23.98 2.38
C TRP E 36 -28.78 25.49 2.26
N VAL E 37 -29.38 26.07 1.23
CA VAL E 37 -29.32 27.51 0.98
C VAL E 37 -30.74 27.99 0.77
N ARG E 38 -31.06 29.15 1.35
CA ARG E 38 -32.41 29.69 1.28
C ARG E 38 -32.38 31.10 0.71
N GLN E 39 -33.52 31.51 0.16
CA GLN E 39 -33.65 32.81 -0.49
C GLN E 39 -34.99 33.41 -0.13
N ALA E 40 -34.97 34.59 0.48
CA ALA E 40 -36.18 35.29 0.88
C ALA E 40 -37.06 35.58 -0.32
N PRO E 41 -38.31 36.01 -0.11
CA PRO E 41 -39.22 36.20 -1.26
C PRO E 41 -38.71 37.15 -2.32
N GLU E 42 -38.05 38.24 -1.93
CA GLU E 42 -37.52 39.20 -2.90
C GLU E 42 -36.13 39.67 -2.48
N LYS E 43 -35.28 38.72 -2.08
CA LYS E 43 -33.96 39.05 -1.54
C LYS E 43 -32.94 38.03 -2.06
N GLY E 44 -31.70 38.19 -1.60
CA GLY E 44 -30.60 37.37 -2.05
C GLY E 44 -30.50 36.05 -1.33
N LEU E 45 -29.52 35.26 -1.74
CA LEU E 45 -29.32 33.93 -1.20
C LEU E 45 -28.63 34.00 0.17
N GLU E 46 -28.76 32.92 0.93
CA GLU E 46 -28.18 32.87 2.26
C GLU E 46 -27.97 31.42 2.68
N TRP E 47 -26.78 31.12 3.18
CA TRP E 47 -26.39 29.77 3.56
C TRP E 47 -27.06 29.36 4.87
N VAL E 48 -27.30 28.06 5.03
CA VAL E 48 -28.00 27.56 6.20
C VAL E 48 -27.22 26.49 6.96
N ALA E 49 -26.86 25.39 6.30
CA ALA E 49 -26.24 24.28 6.99
C ALA E 49 -25.44 23.43 6.01
N TYR E 50 -24.58 22.58 6.56
CA TYR E 50 -23.67 21.76 5.78
C TYR E 50 -23.44 20.42 6.48
N ILE E 51 -23.52 19.33 5.72
CA ILE E 51 -23.30 17.98 6.23
C ILE E 51 -22.28 17.30 5.32
N SER E 52 -21.16 16.86 5.91
CA SER E 52 -20.04 16.35 5.12
C SER E 52 -20.39 14.98 4.55
N SER E 53 -19.42 14.38 3.85
CA SER E 53 -19.54 13.02 3.36
C SER E 53 -19.08 12.07 4.45
N GLY E 54 -19.93 11.11 4.80
CA GLY E 54 -19.71 10.31 5.97
C GLY E 54 -20.25 10.91 7.26
N SER E 55 -20.83 12.10 7.19
CA SER E 55 -21.50 12.75 8.31
C SER E 55 -20.54 13.14 9.42
N GLY E 56 -19.24 13.27 9.12
CA GLY E 56 -18.27 13.57 10.14
C GLY E 56 -18.05 15.03 10.46
N THR E 57 -18.82 15.94 9.86
CA THR E 57 -18.63 17.37 10.10
C THR E 57 -19.90 18.10 9.72
N ILE E 58 -20.36 18.98 10.61
CA ILE E 58 -21.60 19.73 10.41
C ILE E 58 -21.39 21.17 10.85
N TYR E 59 -21.95 22.10 10.09
CA TYR E 59 -21.88 23.52 10.42
C TYR E 59 -23.26 24.13 10.26
N TYR E 60 -23.54 25.17 11.06
CA TYR E 60 -24.81 25.87 11.02
C TYR E 60 -24.57 27.36 10.99
N ALA E 61 -25.51 28.09 10.38
CA ALA E 61 -25.48 29.54 10.47
C ALA E 61 -25.84 29.97 11.89
N ASP E 62 -25.38 31.17 12.26
CA ASP E 62 -25.62 31.63 13.63
C ASP E 62 -27.07 32.03 13.86
N THR E 63 -27.84 32.24 12.80
CA THR E 63 -29.24 32.62 12.93
C THR E 63 -30.18 31.42 12.95
N VAL E 64 -29.66 30.21 12.82
CA VAL E 64 -30.47 28.99 12.90
C VAL E 64 -29.88 27.96 13.84
N LYS E 65 -28.73 28.23 14.44
CA LYS E 65 -28.09 27.25 15.30
C LYS E 65 -28.93 27.03 16.56
N GLY E 66 -29.20 25.77 16.88
CA GLY E 66 -30.02 25.45 18.04
C GLY E 66 -31.40 24.96 17.66
N ARG E 67 -31.99 25.55 16.63
CA ARG E 67 -33.34 25.19 16.20
C ARG E 67 -33.37 24.19 15.05
N PHE E 68 -32.37 24.21 14.17
CA PHE E 68 -32.37 23.38 12.98
C PHE E 68 -31.42 22.20 13.14
N THR E 69 -31.64 21.17 12.34
CA THR E 69 -30.81 19.96 12.39
C THR E 69 -30.75 19.35 10.99
N ILE E 70 -29.54 18.98 10.56
CA ILE E 70 -29.31 18.43 9.23
C ILE E 70 -28.77 17.01 9.38
N SER E 71 -29.26 16.11 8.53
CA SER E 71 -28.84 14.72 8.55
C SER E 71 -29.12 14.09 7.19
N ARG E 72 -28.47 12.96 6.94
CA ARG E 72 -28.60 12.27 5.66
C ARG E 72 -28.71 10.77 5.89
N ASP E 73 -29.41 10.10 4.98
CA ASP E 73 -29.55 8.64 4.99
C ASP E 73 -28.98 8.13 3.67
N ASP E 74 -27.75 7.62 3.70
CA ASP E 74 -27.06 7.25 2.47
C ASP E 74 -27.73 6.13 1.70
N PRO E 75 -28.10 5.00 2.32
CA PRO E 75 -28.74 3.93 1.54
C PRO E 75 -30.04 4.34 0.88
N LYS E 76 -30.76 5.31 1.43
CA LYS E 76 -32.00 5.78 0.83
C LYS E 76 -31.80 6.94 -0.15
N ASN E 77 -30.62 7.57 -0.14
CA ASN E 77 -30.33 8.70 -1.01
C ASN E 77 -31.26 9.87 -0.72
N THR E 78 -31.28 10.29 0.54
CA THR E 78 -32.16 11.37 0.97
C THR E 78 -31.44 12.25 1.98
N LEU E 79 -31.79 13.53 1.98
CA LEU E 79 -31.22 14.54 2.87
C LEU E 79 -32.35 15.27 3.57
N PHE E 80 -32.26 15.41 4.88
CA PHE E 80 -33.32 15.98 5.69
C PHE E 80 -32.87 17.28 6.34
N LEU E 81 -33.85 18.08 6.75
CA LEU E 81 -33.63 19.27 7.56
C LEU E 81 -34.79 19.41 8.52
N GLN E 82 -34.52 19.30 9.81
CA GLN E 82 -35.55 19.38 10.84
C GLN E 82 -35.57 20.80 11.39
N MET E 83 -36.72 21.44 11.31
CA MET E 83 -36.89 22.83 11.73
C MET E 83 -37.85 22.89 12.90
N THR E 84 -37.44 23.58 13.96
CA THR E 84 -38.26 23.75 15.16
C THR E 84 -38.25 25.21 15.59
N SER E 85 -39.36 25.64 16.18
CA SER E 85 -39.52 27.03 16.64
C SER E 85 -39.48 27.99 15.45
N LEU E 86 -40.30 27.71 14.44
CA LEU E 86 -40.29 28.50 13.22
C LEU E 86 -40.84 29.89 13.49
N ARG E 87 -40.00 30.90 13.32
CA ARG E 87 -40.43 32.29 13.40
C ARG E 87 -40.65 32.86 12.00
N SER E 88 -41.22 34.07 11.95
CA SER E 88 -41.64 34.64 10.69
C SER E 88 -40.48 34.99 9.76
N GLU E 89 -39.25 35.02 10.25
CA GLU E 89 -38.09 35.34 9.43
C GLU E 89 -37.61 34.15 8.61
N ASP E 90 -38.24 32.98 8.76
CA ASP E 90 -37.83 31.78 8.05
C ASP E 90 -38.60 31.55 6.76
N THR E 91 -39.49 32.46 6.38
CA THR E 91 -40.17 32.36 5.10
C THR E 91 -39.16 32.52 3.97
N ALA E 92 -39.05 31.51 3.12
CA ALA E 92 -38.06 31.54 2.05
C ALA E 92 -38.30 30.34 1.14
N MET E 93 -37.41 30.15 0.18
CA MET E 93 -37.35 28.97 -0.66
C MET E 93 -36.02 28.27 -0.41
N TYR E 94 -36.07 26.97 -0.17
CA TYR E 94 -34.90 26.22 0.28
C TYR E 94 -34.37 25.38 -0.87
N TYR E 95 -33.06 25.45 -1.08
CA TYR E 95 -32.38 24.72 -2.14
C TYR E 95 -31.48 23.64 -1.56
N CYS E 96 -31.22 22.63 -2.37
CA CYS E 96 -30.37 21.50 -1.99
C CYS E 96 -29.21 21.49 -2.98
N VAL E 97 -27.98 21.59 -2.45
CA VAL E 97 -26.81 21.87 -3.25
C VAL E 97 -25.79 20.76 -3.10
N ARG E 98 -25.19 20.37 -4.22
CA ARG E 98 -24.26 19.26 -4.33
C ARG E 98 -22.84 19.79 -4.40
N SER E 99 -21.93 19.23 -3.59
CA SER E 99 -20.60 19.80 -3.46
C SER E 99 -19.59 18.72 -3.07
N ILE E 100 -18.46 18.69 -3.76
CA ILE E 100 -17.42 17.67 -3.56
C ILE E 100 -16.06 18.35 -3.56
N TYR E 101 -15.18 17.93 -2.64
CA TYR E 101 -13.88 18.56 -2.43
C TYR E 101 -12.75 17.56 -2.59
N TYR E 102 -11.92 17.76 -3.60
CA TYR E 102 -10.58 17.20 -3.68
C TYR E 102 -9.72 18.17 -4.48
N TYR E 103 -8.51 17.77 -4.81
CA TYR E 103 -7.60 18.69 -5.50
C TYR E 103 -8.06 18.88 -6.93
N GLY E 104 -8.57 20.07 -7.25
CA GLY E 104 -8.99 20.40 -8.58
C GLY E 104 -10.46 20.22 -8.88
N SER E 105 -11.28 20.00 -7.87
CA SER E 105 -12.71 19.79 -8.09
C SER E 105 -13.41 21.14 -8.29
N SER E 106 -14.73 21.07 -8.52
CA SER E 106 -15.56 22.26 -8.72
C SER E 106 -16.78 22.16 -7.83
N PRO E 107 -16.67 22.54 -6.56
CA PRO E 107 -17.82 22.43 -5.66
C PRO E 107 -18.92 23.42 -6.02
N PHE E 108 -20.12 23.13 -5.51
CA PHE E 108 -21.28 24.00 -5.64
C PHE E 108 -21.83 24.02 -7.06
N ASP E 109 -21.68 22.92 -7.80
CA ASP E 109 -21.96 22.96 -9.24
C ASP E 109 -23.42 22.67 -9.60
N PHE E 110 -24.07 21.76 -8.90
CA PHE E 110 -25.47 21.42 -9.18
C PHE E 110 -26.34 21.85 -8.01
N TRP E 111 -27.39 22.60 -8.30
CA TRP E 111 -28.35 23.08 -7.31
C TRP E 111 -29.66 22.35 -7.50
N GLY E 112 -30.40 22.19 -6.41
CA GLY E 112 -31.71 21.55 -6.47
C GLY E 112 -32.73 22.42 -7.19
N GLN E 113 -34.00 22.22 -6.88
CA GLN E 113 -35.04 22.98 -7.56
C GLN E 113 -35.88 23.83 -6.62
N GLY E 114 -35.86 23.57 -5.31
CA GLY E 114 -36.45 24.46 -4.34
C GLY E 114 -37.84 24.11 -3.88
N THR E 115 -38.05 24.20 -2.57
CA THR E 115 -39.38 24.01 -1.97
C THR E 115 -39.68 25.21 -1.10
N THR E 116 -40.87 25.78 -1.26
CA THR E 116 -41.20 27.04 -0.62
C THR E 116 -41.91 26.81 0.71
N LEU E 117 -41.43 27.48 1.76
CA LEU E 117 -42.00 27.38 3.09
C LEU E 117 -42.50 28.76 3.51
N THR E 118 -43.75 28.82 3.95
CA THR E 118 -44.36 30.06 4.41
C THR E 118 -44.71 29.93 5.89
N VAL E 119 -44.31 30.91 6.69
CA VAL E 119 -44.63 30.96 8.11
C VAL E 119 -45.53 32.16 8.35
N SER E 120 -46.72 31.90 8.87
CA SER E 120 -47.71 32.95 9.03
C SER E 120 -47.26 33.97 10.06
N SER E 121 -47.75 35.20 9.92
CA SER E 121 -47.39 36.27 10.83
C SER E 121 -48.49 36.48 11.88
N SER E 136 -17.41 39.18 12.97
CA SER E 136 -16.18 38.58 12.46
C SER E 136 -16.41 37.95 11.09
N ASP E 137 -17.64 38.00 10.60
CA ASP E 137 -17.96 37.46 9.30
C ASP E 137 -17.42 38.35 8.19
N ILE E 138 -17.15 37.75 7.04
CA ILE E 138 -16.64 38.48 5.88
C ILE E 138 -17.82 39.07 5.13
N VAL E 139 -17.74 40.37 4.86
CA VAL E 139 -18.82 41.11 4.19
C VAL E 139 -18.46 41.24 2.72
N MET E 140 -19.28 40.66 1.85
CA MET E 140 -19.07 40.73 0.41
C MET E 140 -19.94 41.86 -0.13
N THR E 141 -19.32 42.80 -0.82
CA THR E 141 -20.00 44.01 -1.26
C THR E 141 -20.12 44.03 -2.78
N GLN E 142 -21.35 44.17 -3.26
CA GLN E 142 -21.67 44.27 -4.68
C GLN E 142 -22.42 45.58 -4.88
N ALA E 143 -21.66 46.65 -5.16
CA ALA E 143 -22.20 48.00 -5.04
C ALA E 143 -23.34 48.25 -6.02
N THR E 144 -23.12 47.94 -7.30
CA THR E 144 -24.17 48.18 -8.28
C THR E 144 -25.33 47.22 -8.07
N SER E 145 -26.50 47.63 -8.54
CA SER E 145 -27.71 46.83 -8.38
C SER E 145 -28.52 46.67 -9.65
N SER E 146 -28.16 47.35 -10.74
CA SER E 146 -28.85 47.17 -12.01
C SER E 146 -28.08 47.89 -13.10
N VAL E 147 -28.08 47.31 -14.30
CA VAL E 147 -27.43 47.91 -15.46
C VAL E 147 -28.23 47.54 -16.72
N PRO E 148 -28.54 48.50 -17.58
CA PRO E 148 -29.17 48.16 -18.86
C PRO E 148 -28.14 47.81 -19.91
N VAL E 149 -28.42 46.77 -20.69
CA VAL E 149 -27.47 46.24 -21.65
C VAL E 149 -28.18 46.00 -22.98
N THR E 150 -27.35 45.87 -24.03
CA THR E 150 -27.81 45.60 -25.38
C THR E 150 -27.07 44.38 -25.92
N PRO E 151 -27.75 43.51 -26.66
CA PRO E 151 -27.10 42.30 -27.19
C PRO E 151 -25.93 42.65 -28.10
N GLY E 152 -24.88 41.83 -28.03
CA GLY E 152 -23.67 42.05 -28.79
C GLY E 152 -22.61 42.87 -28.09
N GLU E 153 -22.97 43.58 -27.03
CA GLU E 153 -22.01 44.41 -26.31
C GLU E 153 -21.28 43.59 -25.26
N SER E 154 -20.43 44.25 -24.49
CA SER E 154 -19.68 43.63 -23.41
C SER E 154 -19.99 44.33 -22.09
N VAL E 155 -20.22 43.54 -21.05
CA VAL E 155 -20.59 44.05 -19.74
C VAL E 155 -19.60 43.54 -18.71
N SER E 156 -19.36 44.34 -17.68
CA SER E 156 -18.48 43.97 -16.58
C SER E 156 -19.22 44.13 -15.26
N ILE E 157 -18.90 43.25 -14.32
CA ILE E 157 -19.53 43.24 -13.00
C ILE E 157 -18.44 43.14 -11.96
N SER E 158 -18.58 43.89 -10.87
CA SER E 158 -17.55 43.99 -9.85
C SER E 158 -18.10 43.55 -8.50
N CYS E 159 -17.28 42.81 -7.77
CA CYS E 159 -17.54 42.39 -6.40
C CYS E 159 -16.45 42.98 -5.52
N ARG E 160 -16.55 42.76 -4.21
CA ARG E 160 -15.56 43.35 -3.32
C ARG E 160 -15.71 42.73 -1.94
N SER E 161 -14.57 42.42 -1.31
CA SER E 161 -14.54 41.72 -0.04
C SER E 161 -13.92 42.62 1.02
N SER E 162 -14.33 42.38 2.27
CA SER E 162 -13.78 43.11 3.40
C SER E 162 -12.50 42.49 3.93
N LYS E 163 -12.04 41.40 3.33
CA LYS E 163 -10.83 40.71 3.77
C LYS E 163 -10.22 40.03 2.56
N SER E 164 -8.89 39.90 2.57
CA SER E 164 -8.19 39.31 1.43
C SER E 164 -8.55 37.84 1.31
N LEU E 165 -9.07 37.45 0.15
CA LEU E 165 -9.48 36.08 -0.11
C LEU E 165 -8.34 35.20 -0.60
N LEU E 166 -7.15 35.77 -0.82
CA LEU E 166 -6.00 35.00 -1.25
C LEU E 166 -5.41 34.24 -0.06
N HIS E 167 -5.19 32.95 -0.24
CA HIS E 167 -4.62 32.11 0.80
C HIS E 167 -3.12 31.93 0.58
N SER E 168 -2.44 31.40 1.59
CA SER E 168 -1.01 31.19 1.52
C SER E 168 -0.61 30.11 0.51
N ASN E 169 -1.56 29.31 0.04
CA ASN E 169 -1.27 28.28 -0.96
C ASN E 169 -1.57 28.72 -2.38
N GLY E 170 -1.83 30.02 -2.59
CA GLY E 170 -1.99 30.55 -3.93
C GLY E 170 -3.39 30.55 -4.47
N ASN E 171 -4.36 30.03 -3.72
CA ASN E 171 -5.75 29.95 -4.17
C ASN E 171 -6.54 31.13 -3.64
N THR E 172 -7.30 31.79 -4.52
CA THR E 172 -8.29 32.77 -4.12
C THR E 172 -9.67 32.14 -4.29
N TYR E 173 -10.48 32.20 -3.24
CA TYR E 173 -11.73 31.44 -3.18
C TYR E 173 -12.90 32.38 -3.46
N LEU E 174 -13.19 32.57 -4.74
CA LEU E 174 -14.32 33.39 -5.17
C LEU E 174 -15.13 32.64 -6.22
N TYR E 175 -16.45 32.64 -6.05
CA TYR E 175 -17.36 31.89 -6.91
C TYR E 175 -18.42 32.84 -7.48
N TRP E 176 -18.79 32.62 -8.73
CA TRP E 176 -19.80 33.43 -9.41
C TRP E 176 -20.95 32.52 -9.84
N PHE E 177 -22.17 32.94 -9.54
CA PHE E 177 -23.38 32.21 -9.90
C PHE E 177 -24.29 33.06 -10.77
N LEU E 178 -25.25 32.40 -11.41
CA LEU E 178 -26.23 33.07 -12.27
C LEU E 178 -27.60 32.46 -12.00
N GLN E 179 -28.58 33.30 -11.71
CA GLN E 179 -29.95 32.85 -11.49
C GLN E 179 -30.86 33.52 -12.52
N ARG E 180 -31.26 32.75 -13.52
CA ARG E 180 -32.16 33.27 -14.54
C ARG E 180 -33.56 33.42 -13.97
N PRO E 181 -34.41 34.23 -14.61
CA PRO E 181 -35.76 34.47 -14.08
C PRO E 181 -36.59 33.19 -14.09
N GLY E 182 -36.95 32.73 -12.90
CA GLY E 182 -37.80 31.57 -12.75
C GLY E 182 -37.10 30.24 -12.57
N GLN E 183 -35.77 30.24 -12.48
CA GLN E 183 -35.01 29.01 -12.30
C GLN E 183 -34.07 29.17 -11.11
N SER E 184 -33.39 28.09 -10.77
CA SER E 184 -32.41 28.06 -9.71
C SER E 184 -31.05 28.51 -10.22
N PRO E 185 -30.17 28.98 -9.34
CA PRO E 185 -28.87 29.50 -9.78
C PRO E 185 -27.98 28.43 -10.39
N GLN E 186 -26.81 28.84 -10.89
CA GLN E 186 -25.98 27.99 -11.72
C GLN E 186 -24.55 28.48 -11.66
N LEU E 187 -23.62 27.58 -11.34
CA LEU E 187 -22.22 27.97 -11.22
C LEU E 187 -21.65 28.39 -12.56
N LEU E 188 -20.87 29.47 -12.56
CA LEU E 188 -20.13 29.91 -13.73
C LEU E 188 -18.63 29.77 -13.56
N ILE E 189 -18.07 30.32 -12.48
CA ILE E 189 -16.64 30.39 -12.27
C ILE E 189 -16.33 29.99 -10.84
N TYR E 190 -15.29 29.19 -10.64
CA TYR E 190 -14.90 28.76 -9.31
C TYR E 190 -13.44 29.12 -9.06
N ARG E 191 -13.17 29.70 -7.89
CA ARG E 191 -11.83 30.14 -7.51
C ARG E 191 -11.29 31.21 -8.44
N MET E 192 -12.19 32.05 -8.95
CA MET E 192 -12.01 33.35 -9.57
C MET E 192 -11.46 33.30 -10.99
N SER E 193 -11.03 32.15 -11.51
CA SER E 193 -10.55 32.13 -12.88
C SER E 193 -10.93 30.89 -13.68
N ASN E 194 -11.59 29.91 -13.08
CA ASN E 194 -11.87 28.64 -13.75
C ASN E 194 -13.31 28.60 -14.22
N LEU E 195 -13.52 28.08 -15.43
CA LEU E 195 -14.84 28.00 -16.03
C LEU E 195 -15.47 26.64 -15.77
N ALA E 196 -16.69 26.64 -15.26
CA ALA E 196 -17.40 25.39 -15.04
C ALA E 196 -17.75 24.74 -16.38
N SER E 197 -17.87 23.42 -16.36
CA SER E 197 -18.13 22.68 -17.59
C SER E 197 -19.54 22.98 -18.10
N GLY E 198 -19.66 23.17 -19.42
CA GLY E 198 -20.91 23.52 -20.03
C GLY E 198 -21.18 25.00 -20.14
N VAL E 199 -20.28 25.83 -19.62
CA VAL E 199 -20.43 27.29 -19.66
C VAL E 199 -19.67 27.81 -20.86
N PRO E 200 -20.30 28.58 -21.76
CA PRO E 200 -19.58 29.09 -22.93
C PRO E 200 -18.45 30.02 -22.53
N ASP E 201 -17.43 30.08 -23.38
CA ASP E 201 -16.19 30.79 -23.07
C ASP E 201 -16.32 32.31 -23.19
N ARG E 202 -17.53 32.84 -23.34
CA ARG E 202 -17.72 34.29 -23.29
C ARG E 202 -17.38 34.83 -21.91
N PHE E 203 -17.77 34.11 -20.86
CA PHE E 203 -17.55 34.55 -19.49
C PHE E 203 -16.08 34.37 -19.11
N SER E 204 -15.56 35.33 -18.36
CA SER E 204 -14.20 35.25 -17.84
C SER E 204 -14.14 35.96 -16.50
N GLY E 205 -13.22 35.53 -15.65
CA GLY E 205 -13.07 36.11 -14.33
C GLY E 205 -11.63 36.46 -14.05
N SER E 206 -11.46 37.54 -13.27
CA SER E 206 -10.14 38.05 -12.95
C SER E 206 -10.25 38.90 -11.70
N GLY E 207 -9.11 39.40 -11.23
CA GLY E 207 -9.07 40.30 -10.10
C GLY E 207 -8.10 39.86 -9.03
N SER E 208 -7.50 40.84 -8.35
CA SER E 208 -6.60 40.57 -7.24
C SER E 208 -7.40 40.34 -5.97
N GLY E 209 -6.70 40.10 -4.86
CA GLY E 209 -7.36 39.96 -3.59
C GLY E 209 -8.11 41.21 -3.18
N THR E 210 -9.34 41.05 -2.70
CA THR E 210 -10.22 42.12 -2.21
C THR E 210 -10.84 42.95 -3.31
N ALA E 211 -10.66 42.59 -4.58
CA ALA E 211 -11.31 43.31 -5.68
C ALA E 211 -11.35 42.41 -6.90
N PHE E 212 -12.55 42.05 -7.34
CA PHE E 212 -12.74 41.05 -8.39
C PHE E 212 -13.68 41.60 -9.45
N THR E 213 -13.72 40.91 -10.60
CA THR E 213 -14.50 41.37 -11.73
C THR E 213 -14.94 40.18 -12.57
N LEU E 214 -16.10 40.31 -13.18
CA LEU E 214 -16.63 39.34 -14.14
C LEU E 214 -16.86 40.05 -15.47
N THR E 215 -16.43 39.42 -16.56
CA THR E 215 -16.53 40.01 -17.89
C THR E 215 -17.36 39.11 -18.79
N ILE E 216 -18.37 39.69 -19.43
CA ILE E 216 -19.18 39.01 -20.43
C ILE E 216 -18.96 39.72 -21.75
N SER E 217 -18.54 38.97 -22.78
CA SER E 217 -18.23 39.53 -24.07
C SER E 217 -19.19 38.96 -25.12
N ARG E 218 -19.79 39.85 -25.91
CA ARG E 218 -20.73 39.47 -26.95
C ARG E 218 -21.92 38.70 -26.36
N LEU E 219 -22.64 39.38 -25.48
CA LEU E 219 -23.73 38.76 -24.73
C LEU E 219 -25.03 38.87 -25.55
N GLU E 220 -25.71 37.75 -25.71
CA GLU E 220 -27.02 37.71 -26.31
C GLU E 220 -28.07 37.52 -25.22
N ALA E 221 -29.30 37.21 -25.64
CA ALA E 221 -30.33 36.87 -24.67
C ALA E 221 -29.96 35.60 -23.92
N GLU E 222 -30.75 35.28 -22.90
CA GLU E 222 -30.53 34.17 -21.98
C GLU E 222 -29.36 34.42 -21.04
N ASP E 223 -28.79 35.62 -21.04
CA ASP E 223 -27.81 36.04 -20.05
C ASP E 223 -28.38 37.06 -19.08
N VAL E 224 -29.68 37.28 -19.10
CA VAL E 224 -30.33 38.27 -18.25
C VAL E 224 -30.74 37.60 -16.95
N GLY E 225 -30.34 38.19 -15.83
CA GLY E 225 -30.63 37.62 -14.54
C GLY E 225 -29.84 38.34 -13.46
N VAL E 226 -29.74 37.70 -12.30
CA VAL E 226 -29.02 38.25 -11.16
C VAL E 226 -27.73 37.46 -10.97
N TYR E 227 -26.64 38.18 -10.75
CA TYR E 227 -25.32 37.60 -10.59
C TYR E 227 -24.86 37.76 -9.15
N TYR E 228 -24.49 36.67 -8.50
CA TYR E 228 -24.08 36.68 -7.11
C TYR E 228 -22.61 36.37 -6.98
N CYS E 229 -22.07 36.72 -5.81
CA CYS E 229 -20.64 36.64 -5.54
C CYS E 229 -20.48 36.03 -4.16
N MET E 230 -19.75 34.92 -4.06
CA MET E 230 -19.68 34.15 -2.82
C MET E 230 -18.22 33.86 -2.49
N GLN E 231 -17.94 33.73 -1.20
CA GLN E 231 -16.61 33.43 -0.69
C GLN E 231 -16.61 32.06 -0.02
N HIS E 232 -15.58 31.28 -0.29
CA HIS E 232 -15.40 29.97 0.32
C HIS E 232 -14.11 29.88 1.12
N LEU E 233 -13.66 31.01 1.66
CA LEU E 233 -12.43 31.01 2.45
C LEU E 233 -12.63 30.42 3.84
N GLU E 234 -13.83 30.57 4.41
CA GLU E 234 -14.10 30.08 5.76
C GLU E 234 -15.58 30.20 6.10
N TYR E 235 -16.05 29.37 7.01
CA TYR E 235 -17.45 29.36 7.39
C TYR E 235 -17.73 30.45 8.42
N PRO E 236 -18.94 31.04 8.41
CA PRO E 236 -20.02 30.72 7.46
C PRO E 236 -19.79 31.31 6.07
N LEU E 237 -20.31 30.66 5.05
CA LEU E 237 -20.18 31.15 3.69
C LEU E 237 -21.16 32.31 3.46
N THR E 238 -20.67 33.37 2.84
CA THR E 238 -21.45 34.58 2.65
C THR E 238 -21.55 34.91 1.17
N PHE E 239 -22.69 35.48 0.78
CA PHE E 239 -22.97 35.86 -0.59
C PHE E 239 -22.93 37.38 -0.71
N GLY E 240 -23.13 37.87 -1.93
CA GLY E 240 -23.30 39.28 -2.20
C GLY E 240 -24.77 39.65 -2.33
N ALA E 241 -25.01 40.94 -2.54
CA ALA E 241 -26.37 41.43 -2.67
C ALA E 241 -26.98 41.09 -4.02
N GLY E 242 -26.16 40.97 -5.06
CA GLY E 242 -26.67 40.61 -6.38
C GLY E 242 -26.79 41.78 -7.33
N THR E 243 -26.29 41.61 -8.55
CA THR E 243 -26.39 42.63 -9.60
C THR E 243 -27.30 42.11 -10.71
N LYS E 244 -28.30 42.90 -11.07
CA LYS E 244 -29.30 42.47 -12.02
C LYS E 244 -29.05 43.12 -13.38
N LEU E 245 -29.09 42.31 -14.43
CA LEU E 245 -28.97 42.78 -15.81
C LEU E 245 -30.36 42.76 -16.44
N GLU E 246 -30.85 43.94 -16.83
CA GLU E 246 -32.15 44.06 -17.47
C GLU E 246 -31.97 44.35 -18.96
N LEU E 247 -33.05 44.13 -19.71
CA LEU E 247 -33.02 44.34 -21.15
C LEU E 247 -33.81 45.58 -21.54
C01 8RI F . 5.55 -4.20 48.22
C02 8RI F . 5.85 -2.69 48.18
C03 8RI F . 6.00 -1.98 49.31
C04 8RI F . 6.32 -0.45 49.35
C05 8RI F . 6.45 0.27 48.17
C06 8RI F . 6.73 1.62 48.16
C07 8RI F . 6.87 2.30 49.33
C08 8RI F . 6.74 1.62 50.54
C09 8RI F . 6.90 2.37 51.70
C10 8RI F . 6.79 1.75 52.92
C11 8RI F . 6.51 0.40 53.00
C12 8RI F . 6.35 -0.34 51.83
C13 8RI F . 6.47 0.26 50.58
C14 8RI F . 5.11 -6.29 46.77
C15 8RI F . 3.73 -6.40 46.08
C16 8RI F . 4.69 -5.79 43.88
C17 8RI F . 2.37 -5.49 44.26
C18 8RI F . 3.44 -7.88 45.81
C19 8RI F . 2.33 -8.43 46.73
C20 8RI F . 1.02 -8.04 46.57
C21 8RI F . 0.03 -8.54 47.41
C22 8RI F . 0.36 -9.46 48.38
C23 8RI F . 1.68 -9.86 48.53
C24 8RI F . 2.66 -9.35 47.71
N01 8RI F . 5.42 -4.86 46.92
N02 8RI F . 3.68 -5.52 44.89
O01 8RI F . 5.44 -4.79 49.25
O02 8RI F . -0.64 -9.96 49.22
#